data_6WZJ
#
_entry.id   6WZJ
#
_cell.length_a   56.042
_cell.length_b   200.643
_cell.length_c   65.253
_cell.angle_alpha   90.000
_cell.angle_beta   106.680
_cell.angle_gamma   90.000
#
_symmetry.space_group_name_H-M   'P 1 21 1'
#
loop_
_entity.id
_entity.type
_entity.pdbx_description
1 polymer 'LY3041658 Fab Heavy Chain'
2 polymer 'LY3041658 Fab Light Chain'
3 polymer 'C-X-C motif chemokine 2'
4 water water
#
loop_
_entity_poly.entity_id
_entity_poly.type
_entity_poly.pdbx_seq_one_letter_code
_entity_poly.pdbx_strand_id
1 'polypeptide(L)'
;QVQLVQSGAEVKKPGASVKVSCKASGYEFTSYWIHWVRQAPGQGLEWMGNISPNSGSANYNEKFKSRVTMTRDTSTSTVY
MELSSLRSEDTAVYYCAREGPYSYYPSREYYGSDLWGQGTLVTVSSASTKGPSVFPLAPCSRSTSESTAALGCLVKDYFP
EPVTVSWNSGALTSGVHTFPAVLQSSGLYSLSSVVTVPSSSLGTKTYTCNVDHKPSNTKVDKRV
;
A,C
2 'polypeptide(L)'
;EIVLTQSPATLSLSPGERATLSCRASQSISNNLHWYQQKPGQAPRLLIYYTSRSVSGIPARFSGSGSGTDFTLTISSLEP
EDFAVYYCGQNNEWPEVFGGGTKVEIKRTVAAPSVFIFPPSDEQLKSGTASVVCLLNNFYPREAKVQWKVDNALQSGNSQ
ESVTEQDSKDSTYSLSSTLTLSKADYEKHKVYACEVTHQGLSSPVTKSFNRGEC
;
B,D
3 'polypeptide(L)' APLVTELRCQCLQTLHGIHPKNIQSVNVKAPGPHCAQTEVIATLKNGQKACLNPASPMVKKIIGKMLNNGKSN E,F
#
# COMPACT_ATOMS: atom_id res chain seq x y z
N GLN A 1 -11.62 -15.27 -37.76
CA GLN A 1 -11.85 -16.19 -36.65
C GLN A 1 -10.79 -16.04 -35.55
N VAL A 2 -11.23 -15.88 -34.27
CA VAL A 2 -10.32 -15.74 -33.12
C VAL A 2 -9.71 -17.11 -32.79
N GLN A 3 -8.42 -17.28 -33.16
CA GLN A 3 -7.69 -18.54 -33.06
C GLN A 3 -6.21 -18.43 -32.75
N LEU A 4 -5.67 -19.55 -32.22
CA LEU A 4 -4.27 -19.83 -31.99
C LEU A 4 -4.08 -21.20 -32.58
N VAL A 5 -3.42 -21.26 -33.75
CA VAL A 5 -3.19 -22.51 -34.47
C VAL A 5 -1.74 -22.89 -34.36
N GLN A 6 -1.46 -24.10 -33.89
CA GLN A 6 -0.09 -24.58 -33.68
C GLN A 6 0.37 -25.60 -34.76
N SER A 7 1.69 -25.80 -34.84
CA SER A 7 2.31 -26.78 -35.73
C SER A 7 2.00 -28.23 -35.25
N GLY A 8 2.23 -29.23 -36.11
CA GLY A 8 1.92 -30.63 -35.81
C GLY A 8 2.89 -31.36 -34.90
N ALA A 9 2.49 -32.58 -34.47
CA ALA A 9 3.27 -33.48 -33.62
C ALA A 9 4.68 -33.73 -34.16
N GLU A 10 5.64 -33.86 -33.23
CA GLU A 10 7.05 -34.00 -33.52
C GLU A 10 7.64 -35.10 -32.72
N VAL A 11 8.51 -35.88 -33.37
CA VAL A 11 9.26 -36.97 -32.75
C VAL A 11 10.69 -36.60 -32.91
N LYS A 12 11.39 -36.46 -31.79
CA LYS A 12 12.77 -36.01 -31.77
C LYS A 12 13.64 -36.93 -30.96
N LYS A 13 14.93 -36.94 -31.29
CA LYS A 13 15.89 -37.76 -30.59
C LYS A 13 16.60 -36.97 -29.49
N PRO A 14 16.92 -37.60 -28.34
CA PRO A 14 17.64 -36.88 -27.30
C PRO A 14 18.87 -36.12 -27.81
N GLY A 15 19.01 -34.88 -27.36
CA GLY A 15 20.08 -33.99 -27.77
C GLY A 15 19.67 -33.06 -28.89
N ALA A 16 18.67 -33.48 -29.69
CA ALA A 16 18.15 -32.66 -30.79
C ALA A 16 17.35 -31.42 -30.32
N SER A 17 16.74 -30.73 -31.30
CA SER A 17 16.00 -29.48 -31.16
C SER A 17 14.64 -29.56 -31.83
N VAL A 18 13.66 -28.85 -31.24
CA VAL A 18 12.32 -28.74 -31.81
C VAL A 18 11.92 -27.26 -31.91
N LYS A 19 11.26 -26.87 -32.99
CA LYS A 19 10.74 -25.52 -33.18
C LYS A 19 9.22 -25.64 -33.42
N VAL A 20 8.44 -25.19 -32.42
CA VAL A 20 6.97 -25.24 -32.46
C VAL A 20 6.48 -23.84 -32.85
N SER A 21 5.47 -23.76 -33.71
CA SER A 21 4.92 -22.48 -34.13
C SER A 21 3.49 -22.27 -33.59
N CYS A 22 3.07 -20.99 -33.48
CA CYS A 22 1.75 -20.60 -32.99
C CYS A 22 1.28 -19.39 -33.82
N LYS A 23 0.29 -19.61 -34.71
CA LYS A 23 -0.27 -18.60 -35.59
C LYS A 23 -1.55 -17.96 -35.03
N ALA A 24 -1.43 -16.66 -34.65
CA ALA A 24 -2.50 -15.81 -34.12
C ALA A 24 -3.46 -15.41 -35.24
N SER A 25 -4.77 -15.36 -34.95
CA SER A 25 -5.77 -15.05 -35.97
C SER A 25 -7.00 -14.35 -35.39
N GLY A 26 -7.59 -13.46 -36.19
CA GLY A 26 -8.82 -12.74 -35.86
C GLY A 26 -8.78 -11.78 -34.70
N TYR A 27 -7.59 -11.23 -34.38
CA TYR A 27 -7.42 -10.27 -33.27
C TYR A 27 -6.13 -9.45 -33.40
N GLU A 28 -6.02 -8.37 -32.59
CA GLU A 28 -4.85 -7.49 -32.57
C GLU A 28 -3.69 -8.19 -31.88
N PHE A 29 -2.84 -8.84 -32.69
CA PHE A 29 -1.65 -9.62 -32.33
C PHE A 29 -0.77 -8.95 -31.28
N THR A 30 -0.50 -7.63 -31.42
CA THR A 30 0.35 -6.90 -30.45
C THR A 30 -0.36 -6.63 -29.10
N SER A 31 -1.72 -6.68 -29.09
CA SER A 31 -2.51 -6.41 -27.87
C SER A 31 -2.42 -7.49 -26.78
N TYR A 32 -1.96 -8.72 -27.13
CA TYR A 32 -1.89 -9.84 -26.18
C TYR A 32 -0.50 -10.46 -26.07
N TRP A 33 -0.05 -10.79 -24.83
CA TRP A 33 1.17 -11.53 -24.56
C TRP A 33 0.92 -12.97 -25.04
N ILE A 34 1.97 -13.68 -25.49
CA ILE A 34 1.78 -15.08 -25.87
C ILE A 34 2.68 -15.88 -24.97
N HIS A 35 2.09 -16.84 -24.23
CA HIS A 35 2.80 -17.74 -23.32
C HIS A 35 2.95 -19.12 -23.95
N TRP A 36 3.99 -19.86 -23.48
CA TRP A 36 4.26 -21.26 -23.80
C TRP A 36 4.21 -22.00 -22.46
N VAL A 37 3.27 -22.95 -22.36
CA VAL A 37 2.95 -23.77 -21.19
C VAL A 37 2.97 -25.22 -21.66
N ARG A 38 3.71 -26.08 -20.97
CA ARG A 38 3.78 -27.48 -21.34
C ARG A 38 3.10 -28.39 -20.31
N GLN A 39 2.58 -29.52 -20.79
CA GLN A 39 1.98 -30.54 -19.93
C GLN A 39 2.56 -31.91 -20.23
N ALA A 40 3.40 -32.43 -19.32
CA ALA A 40 3.97 -33.77 -19.42
C ALA A 40 2.83 -34.78 -19.26
N PRO A 41 2.91 -35.96 -19.91
CA PRO A 41 1.78 -36.92 -19.84
C PRO A 41 1.37 -37.32 -18.43
N GLY A 42 0.10 -37.07 -18.12
CA GLY A 42 -0.50 -37.31 -16.82
C GLY A 42 -0.14 -36.30 -15.74
N GLN A 43 0.58 -35.22 -16.11
CA GLN A 43 1.01 -34.19 -15.15
C GLN A 43 0.22 -32.87 -15.23
N GLY A 44 0.69 -31.91 -14.45
CA GLY A 44 0.15 -30.56 -14.40
C GLY A 44 0.67 -29.68 -15.52
N LEU A 45 0.54 -28.38 -15.34
CA LEU A 45 0.92 -27.35 -16.30
C LEU A 45 2.18 -26.63 -15.82
N GLU A 46 3.13 -26.43 -16.75
CA GLU A 46 4.40 -25.75 -16.47
C GLU A 46 4.63 -24.62 -17.47
N TRP A 47 4.84 -23.40 -16.95
CA TRP A 47 5.08 -22.20 -17.77
C TRP A 47 6.55 -22.20 -18.19
N MET A 48 6.80 -21.97 -19.47
CA MET A 48 8.15 -21.99 -20.00
C MET A 48 8.67 -20.60 -20.27
N GLY A 49 7.72 -19.72 -20.62
CA GLY A 49 8.01 -18.33 -20.92
C GLY A 49 7.01 -17.73 -21.87
N ASN A 50 7.25 -16.46 -22.19
CA ASN A 50 6.39 -15.71 -23.10
C ASN A 50 7.19 -14.78 -24.00
N ILE A 51 6.51 -14.12 -24.93
CA ILE A 51 7.04 -13.14 -25.86
C ILE A 51 6.04 -12.01 -26.09
N SER A 52 6.55 -10.76 -26.23
CA SER A 52 5.77 -9.58 -26.57
C SER A 52 5.69 -9.56 -28.10
N PRO A 53 4.50 -9.74 -28.74
CA PRO A 53 4.46 -9.79 -30.22
C PRO A 53 5.10 -8.61 -30.96
N ASN A 54 4.96 -7.39 -30.44
CA ASN A 54 5.51 -6.18 -31.02
C ASN A 54 7.04 -6.20 -31.03
N SER A 55 7.66 -6.10 -29.84
CA SER A 55 9.10 -6.03 -29.66
C SER A 55 9.87 -7.35 -29.90
N GLY A 56 9.20 -8.47 -29.64
CA GLY A 56 9.85 -9.78 -29.74
C GLY A 56 10.68 -10.03 -28.50
N SER A 57 10.49 -9.16 -27.47
CA SER A 57 11.18 -9.31 -26.20
C SER A 57 10.51 -10.51 -25.51
N ALA A 58 11.33 -11.50 -25.16
CA ALA A 58 10.88 -12.75 -24.60
C ALA A 58 11.32 -12.88 -23.17
N ASN A 59 10.52 -13.57 -22.36
CA ASN A 59 10.81 -13.81 -20.95
C ASN A 59 10.73 -15.29 -20.71
N TYR A 60 11.72 -15.84 -20.01
CA TYR A 60 11.86 -17.28 -19.82
C TYR A 60 11.93 -17.71 -18.39
N ASN A 61 11.44 -18.94 -18.15
CA ASN A 61 11.54 -19.61 -16.87
C ASN A 61 13.02 -19.98 -16.75
N GLU A 62 13.65 -19.68 -15.60
CA GLU A 62 15.06 -19.97 -15.31
C GLU A 62 15.44 -21.46 -15.51
N LYS A 63 14.44 -22.36 -15.36
CA LYS A 63 14.58 -23.82 -15.53
C LYS A 63 14.86 -24.18 -16.99
N PHE A 64 14.32 -23.38 -17.93
CA PHE A 64 14.43 -23.58 -19.39
C PHE A 64 15.40 -22.62 -20.05
N LYS A 65 15.73 -21.51 -19.34
CA LYS A 65 16.70 -20.52 -19.79
C LYS A 65 18.01 -21.28 -19.86
N SER A 66 18.65 -21.22 -21.05
CA SER A 66 19.87 -21.90 -21.51
C SER A 66 19.55 -22.78 -22.72
N ARG A 67 18.32 -23.32 -22.79
CA ARG A 67 17.86 -24.22 -23.86
C ARG A 67 16.70 -23.70 -24.68
N VAL A 68 15.95 -22.69 -24.19
CA VAL A 68 14.77 -22.20 -24.90
C VAL A 68 14.99 -20.81 -25.50
N THR A 69 14.36 -20.59 -26.66
CA THR A 69 14.37 -19.38 -27.45
C THR A 69 12.99 -19.16 -28.06
N MET A 70 12.36 -18.02 -27.76
CA MET A 70 11.07 -17.67 -28.34
C MET A 70 11.27 -16.51 -29.29
N THR A 71 10.64 -16.59 -30.47
CA THR A 71 10.75 -15.57 -31.51
C THR A 71 9.38 -15.27 -32.10
N ARG A 72 9.26 -14.16 -32.85
CA ARG A 72 8.01 -13.80 -33.51
C ARG A 72 8.27 -13.28 -34.90
N ASP A 73 7.27 -13.43 -35.77
CA ASP A 73 7.30 -12.97 -37.17
C ASP A 73 5.98 -12.21 -37.40
N THR A 74 6.03 -10.86 -37.24
CA THR A 74 4.90 -9.92 -37.37
C THR A 74 4.16 -10.02 -38.71
N SER A 75 4.91 -10.30 -39.80
CA SER A 75 4.41 -10.47 -41.17
C SER A 75 3.44 -11.66 -41.30
N THR A 76 3.69 -12.73 -40.52
CA THR A 76 2.86 -13.93 -40.51
C THR A 76 1.95 -13.97 -39.27
N SER A 77 2.22 -13.10 -38.26
CA SER A 77 1.51 -13.02 -36.97
C SER A 77 1.62 -14.40 -36.25
N THR A 78 2.85 -14.92 -36.22
CA THR A 78 3.26 -16.20 -35.68
C THR A 78 4.34 -16.00 -34.63
N VAL A 79 4.33 -16.87 -33.60
CA VAL A 79 5.35 -16.96 -32.54
C VAL A 79 5.94 -18.37 -32.57
N TYR A 80 7.19 -18.49 -32.17
CA TYR A 80 7.90 -19.75 -32.20
C TYR A 80 8.47 -20.06 -30.84
N MET A 81 8.63 -21.36 -30.54
CA MET A 81 9.23 -21.89 -29.30
C MET A 81 10.29 -22.90 -29.74
N GLU A 82 11.57 -22.61 -29.48
CA GLU A 82 12.66 -23.50 -29.85
C GLU A 82 13.31 -24.07 -28.62
N LEU A 83 13.10 -25.37 -28.38
CA LEU A 83 13.68 -26.07 -27.23
C LEU A 83 14.84 -26.92 -27.74
N SER A 84 16.01 -26.79 -27.09
CA SER A 84 17.26 -27.42 -27.47
C SER A 84 17.72 -28.43 -26.42
N SER A 85 18.70 -29.30 -26.79
CA SER A 85 19.28 -30.33 -25.92
C SER A 85 18.17 -31.19 -25.29
N LEU A 86 17.20 -31.64 -26.12
CA LEU A 86 16.04 -32.43 -25.73
C LEU A 86 16.37 -33.66 -24.91
N ARG A 87 15.62 -33.87 -23.82
CA ARG A 87 15.73 -35.00 -22.90
C ARG A 87 14.36 -35.69 -22.81
N SER A 88 14.32 -36.94 -22.33
CA SER A 88 13.08 -37.73 -22.19
C SER A 88 12.00 -36.90 -21.50
N GLU A 89 12.42 -36.16 -20.45
CA GLU A 89 11.65 -35.27 -19.58
C GLU A 89 10.90 -34.17 -20.33
N ASP A 90 11.33 -33.86 -21.55
CA ASP A 90 10.72 -32.84 -22.41
C ASP A 90 9.54 -33.39 -23.21
N THR A 91 9.24 -34.69 -23.07
CA THR A 91 8.08 -35.27 -23.75
C THR A 91 6.87 -34.66 -23.05
N ALA A 92 6.12 -33.85 -23.80
CA ALA A 92 4.96 -33.11 -23.28
C ALA A 92 4.14 -32.59 -24.41
N VAL A 93 2.91 -32.10 -24.10
CA VAL A 93 2.04 -31.38 -25.04
C VAL A 93 2.37 -29.90 -24.78
N TYR A 94 2.81 -29.18 -25.80
CA TYR A 94 3.21 -27.76 -25.68
C TYR A 94 2.07 -26.90 -26.16
N TYR A 95 1.59 -26.01 -25.30
CA TYR A 95 0.50 -25.10 -25.65
C TYR A 95 0.98 -23.67 -25.71
N CYS A 96 0.43 -22.91 -26.66
CA CYS A 96 0.59 -21.47 -26.68
C CYS A 96 -0.75 -20.88 -26.20
N ALA A 97 -0.69 -19.76 -25.45
CA ALA A 97 -1.86 -19.10 -24.85
C ALA A 97 -1.71 -17.58 -24.82
N ARG A 98 -2.81 -16.83 -25.04
CA ARG A 98 -2.81 -15.37 -25.00
C ARG A 98 -3.37 -14.81 -23.69
N GLU A 99 -2.73 -13.73 -23.19
CA GLU A 99 -3.09 -12.98 -21.98
C GLU A 99 -3.19 -11.46 -22.33
N GLY A 100 -4.38 -10.90 -22.13
CA GLY A 100 -4.68 -9.50 -22.35
C GLY A 100 -6.16 -9.20 -22.54
N PRO A 101 -6.53 -8.15 -23.33
CA PRO A 101 -5.65 -7.19 -24.01
C PRO A 101 -5.01 -6.19 -23.07
N TYR A 102 -3.85 -5.69 -23.47
CA TYR A 102 -3.10 -4.66 -22.75
C TYR A 102 -2.58 -3.62 -23.76
N SER A 103 -2.16 -2.43 -23.28
CA SER A 103 -1.58 -1.38 -24.13
C SER A 103 -0.30 -0.81 -23.48
N TYR A 104 -0.05 0.52 -23.61
CA TYR A 104 1.12 1.18 -23.02
C TYR A 104 0.92 1.44 -21.53
N TYR A 105 -0.36 1.41 -21.06
CA TYR A 105 -0.73 1.62 -19.66
C TYR A 105 -0.26 0.44 -18.82
N PRO A 106 0.66 0.63 -17.84
CA PRO A 106 1.01 -0.51 -16.97
C PRO A 106 -0.17 -0.84 -16.05
N SER A 107 -0.30 -2.11 -15.67
CA SER A 107 -1.41 -2.54 -14.83
C SER A 107 -0.93 -3.43 -13.70
N ARG A 108 -1.81 -3.66 -12.72
CA ARG A 108 -1.55 -4.50 -11.56
C ARG A 108 -2.68 -5.55 -11.42
N GLU A 109 -3.71 -5.43 -12.27
CA GLU A 109 -4.88 -6.30 -12.31
C GLU A 109 -4.85 -7.02 -13.66
N TYR A 110 -4.36 -8.26 -13.65
CA TYR A 110 -4.16 -9.02 -14.88
C TYR A 110 -5.32 -9.90 -15.27
N TYR A 111 -5.44 -10.10 -16.59
CA TYR A 111 -6.39 -11.00 -17.21
C TYR A 111 -5.79 -12.43 -17.10
N GLY A 112 -6.58 -13.43 -17.47
CA GLY A 112 -6.12 -14.82 -17.49
C GLY A 112 -5.79 -15.19 -18.90
N SER A 113 -5.29 -16.43 -19.09
CA SER A 113 -4.98 -16.92 -20.44
C SER A 113 -6.29 -17.48 -21.01
N ASP A 114 -7.00 -16.61 -21.71
CA ASP A 114 -8.35 -16.84 -22.22
C ASP A 114 -8.41 -17.65 -23.50
N LEU A 115 -7.34 -17.67 -24.27
CA LEU A 115 -7.32 -18.39 -25.53
C LEU A 115 -6.04 -19.22 -25.63
N TRP A 116 -6.22 -20.54 -25.85
CA TRP A 116 -5.16 -21.53 -25.97
C TRP A 116 -5.19 -22.17 -27.36
N GLY A 117 -4.01 -22.55 -27.85
CA GLY A 117 -3.89 -23.30 -29.09
C GLY A 117 -4.31 -24.75 -28.84
N GLN A 118 -4.43 -25.55 -29.90
CA GLN A 118 -4.82 -26.96 -29.81
C GLN A 118 -3.71 -27.86 -29.18
N GLY A 119 -2.53 -27.29 -28.94
CA GLY A 119 -1.37 -28.00 -28.41
C GLY A 119 -0.54 -28.71 -29.45
N THR A 120 0.74 -28.95 -29.12
CA THR A 120 1.68 -29.69 -29.95
C THR A 120 2.35 -30.80 -29.14
N LEU A 121 2.10 -32.06 -29.50
CA LEU A 121 2.82 -33.12 -28.82
C LEU A 121 4.24 -33.22 -29.40
N VAL A 122 5.23 -33.26 -28.51
CA VAL A 122 6.63 -33.41 -28.84
C VAL A 122 7.08 -34.67 -28.07
N THR A 123 7.55 -35.70 -28.79
CA THR A 123 8.02 -36.95 -28.20
C THR A 123 9.51 -37.05 -28.33
N VAL A 124 10.20 -37.20 -27.19
CA VAL A 124 11.65 -37.31 -27.15
C VAL A 124 11.98 -38.77 -26.90
N SER A 125 12.53 -39.44 -27.92
CA SER A 125 12.86 -40.86 -27.81
C SER A 125 14.00 -41.20 -28.76
N SER A 126 14.87 -42.14 -28.32
CA SER A 126 15.97 -42.69 -29.13
C SER A 126 15.48 -43.88 -29.98
N ALA A 127 14.19 -44.28 -29.80
CA ALA A 127 13.54 -45.36 -30.53
C ALA A 127 13.11 -44.99 -31.95
N SER A 128 12.92 -46.01 -32.80
CA SER A 128 12.53 -45.79 -34.21
C SER A 128 11.17 -46.38 -34.47
N THR A 129 10.46 -45.89 -35.53
CA THR A 129 9.15 -46.42 -35.91
C THR A 129 9.19 -47.93 -35.98
N LYS A 130 8.23 -48.57 -35.33
CA LYS A 130 8.12 -50.01 -35.21
C LYS A 130 6.67 -50.35 -34.97
N GLY A 131 6.18 -51.31 -35.73
CA GLY A 131 4.81 -51.77 -35.59
C GLY A 131 4.73 -52.73 -34.42
N PRO A 132 3.53 -52.94 -33.88
CA PRO A 132 3.41 -53.86 -32.75
C PRO A 132 3.42 -55.35 -33.11
N SER A 133 3.35 -56.17 -32.06
CA SER A 133 3.20 -57.60 -32.08
C SER A 133 1.91 -57.79 -31.31
N VAL A 134 0.94 -58.46 -31.92
CA VAL A 134 -0.35 -58.64 -31.25
C VAL A 134 -0.41 -60.06 -30.70
N PHE A 135 -0.89 -60.21 -29.44
CA PHE A 135 -1.00 -61.48 -28.76
C PHE A 135 -2.37 -61.67 -28.20
N PRO A 136 -2.91 -62.91 -28.17
CA PRO A 136 -4.26 -63.07 -27.59
C PRO A 136 -4.19 -63.06 -26.07
N LEU A 137 -5.29 -62.62 -25.45
CA LEU A 137 -5.51 -62.68 -24.02
C LEU A 137 -6.70 -63.63 -23.87
N ALA A 138 -6.40 -64.88 -23.55
CA ALA A 138 -7.41 -65.94 -23.39
C ALA A 138 -7.23 -66.59 -22.03
N PRO A 139 -8.32 -66.94 -21.32
CA PRO A 139 -8.15 -67.62 -19.99
C PRO A 139 -7.45 -68.99 -20.06
N CYS A 140 -6.92 -69.50 -18.93
CA CYS A 140 -6.29 -70.83 -18.93
C CYS A 140 -7.35 -71.92 -19.27
N SER A 141 -8.44 -72.02 -18.46
CA SER A 141 -9.53 -72.99 -18.62
C SER A 141 -10.84 -72.40 -19.18
N SER A 145 -15.50 -71.81 -16.96
CA SER A 145 -16.89 -71.36 -17.07
C SER A 145 -17.46 -70.82 -15.73
N GLU A 146 -17.72 -69.49 -15.68
CA GLU A 146 -18.23 -68.76 -14.51
C GLU A 146 -19.12 -67.55 -14.91
N SER A 147 -20.09 -67.77 -15.85
CA SER A 147 -21.08 -66.83 -16.41
C SER A 147 -20.51 -65.92 -17.51
N THR A 148 -19.61 -64.99 -17.14
CA THR A 148 -18.96 -64.06 -18.04
C THR A 148 -17.50 -64.44 -18.17
N ALA A 149 -16.95 -64.24 -19.35
CA ALA A 149 -15.55 -64.49 -19.63
C ALA A 149 -14.92 -63.20 -20.13
N ALA A 150 -13.61 -63.11 -19.97
CA ALA A 150 -12.91 -61.94 -20.47
C ALA A 150 -11.98 -62.44 -21.51
N LEU A 151 -11.86 -61.68 -22.58
CA LEU A 151 -10.99 -61.99 -23.70
C LEU A 151 -10.33 -60.67 -24.06
N GLY A 152 -9.20 -60.72 -24.74
CA GLY A 152 -8.56 -59.49 -25.16
C GLY A 152 -7.43 -59.68 -26.14
N CYS A 153 -6.80 -58.57 -26.52
CA CYS A 153 -5.60 -58.53 -27.36
C CYS A 153 -4.53 -57.66 -26.68
N LEU A 154 -3.28 -58.14 -26.65
CA LEU A 154 -2.13 -57.43 -26.11
C LEU A 154 -1.36 -56.86 -27.29
N VAL A 155 -1.33 -55.52 -27.40
CA VAL A 155 -0.64 -54.80 -28.47
C VAL A 155 0.68 -54.25 -27.92
N LYS A 156 1.75 -54.99 -28.16
CA LYS A 156 3.07 -54.78 -27.58
C LYS A 156 4.12 -54.35 -28.54
N ASP A 157 5.05 -53.51 -28.04
CA ASP A 157 6.30 -53.07 -28.66
C ASP A 157 6.13 -52.26 -29.95
N TYR A 158 5.42 -51.16 -29.85
CA TYR A 158 5.28 -50.27 -30.98
C TYR A 158 5.76 -48.84 -30.67
N PHE A 159 6.11 -48.11 -31.70
CA PHE A 159 6.55 -46.74 -31.62
C PHE A 159 6.26 -46.07 -32.96
N PRO A 160 5.76 -44.82 -32.96
CA PRO A 160 5.31 -44.02 -31.81
C PRO A 160 3.82 -44.31 -31.55
N GLU A 161 3.18 -43.49 -30.70
CA GLU A 161 1.75 -43.61 -30.46
C GLU A 161 1.06 -42.95 -31.65
N PRO A 162 -0.20 -43.28 -32.00
CA PRO A 162 -1.14 -44.22 -31.35
C PRO A 162 -1.40 -45.53 -32.09
N VAL A 163 -2.15 -46.43 -31.46
CA VAL A 163 -2.66 -47.65 -32.03
C VAL A 163 -4.16 -47.60 -31.85
N THR A 164 -4.94 -48.04 -32.86
CA THR A 164 -6.39 -48.11 -32.73
C THR A 164 -6.82 -49.58 -32.62
N VAL A 165 -7.82 -49.83 -31.77
CA VAL A 165 -8.34 -51.17 -31.57
C VAL A 165 -9.84 -51.19 -31.62
N SER A 166 -10.38 -52.04 -32.50
CA SER A 166 -11.81 -52.32 -32.61
C SER A 166 -12.03 -53.86 -32.45
N TRP A 167 -13.28 -54.26 -32.22
CA TRP A 167 -13.68 -55.64 -32.06
C TRP A 167 -14.78 -55.97 -33.07
N ASN A 168 -14.60 -57.09 -33.82
CA ASN A 168 -15.54 -57.54 -34.84
C ASN A 168 -15.84 -56.44 -35.85
N SER A 169 -14.78 -55.86 -36.37
CA SER A 169 -14.76 -54.76 -37.32
C SER A 169 -15.76 -53.63 -36.96
N GLY A 170 -15.87 -53.34 -35.65
CA GLY A 170 -16.72 -52.27 -35.11
C GLY A 170 -18.11 -52.64 -34.65
N ALA A 171 -18.51 -53.90 -34.87
CA ALA A 171 -19.82 -54.40 -34.47
C ALA A 171 -19.94 -54.66 -32.95
N LEU A 172 -18.79 -54.90 -32.29
CA LEU A 172 -18.76 -55.14 -30.84
C LEU A 172 -18.10 -53.95 -30.11
N THR A 173 -18.93 -53.12 -29.47
CA THR A 173 -18.49 -51.91 -28.75
C THR A 173 -18.81 -51.97 -27.25
N SER A 174 -19.94 -52.60 -26.92
CA SER A 174 -20.39 -52.78 -25.55
C SER A 174 -19.47 -53.74 -24.78
N GLY A 175 -19.08 -53.34 -23.55
CA GLY A 175 -18.22 -54.14 -22.66
C GLY A 175 -16.74 -54.16 -22.99
N VAL A 176 -16.34 -53.33 -23.98
CA VAL A 176 -14.96 -53.19 -24.44
C VAL A 176 -14.21 -52.15 -23.58
N HIS A 177 -12.99 -52.49 -23.21
CA HIS A 177 -12.07 -51.62 -22.50
C HIS A 177 -10.71 -51.66 -23.17
N THR A 178 -10.40 -50.60 -23.92
CA THR A 178 -9.11 -50.38 -24.55
C THR A 178 -8.36 -49.44 -23.62
N PHE A 179 -7.31 -49.97 -22.98
CA PHE A 179 -6.50 -49.26 -22.00
C PHE A 179 -5.51 -48.27 -22.58
N PRO A 180 -5.22 -47.18 -21.82
CA PRO A 180 -4.21 -46.22 -22.31
C PRO A 180 -2.85 -46.92 -22.41
N ALA A 181 -2.05 -46.56 -23.42
CA ALA A 181 -0.74 -47.19 -23.61
C ALA A 181 0.20 -46.90 -22.43
N VAL A 182 1.15 -47.83 -22.18
CA VAL A 182 2.20 -47.65 -21.17
C VAL A 182 3.55 -47.64 -21.89
N LEU A 183 4.49 -46.85 -21.37
CA LEU A 183 5.82 -46.76 -21.94
C LEU A 183 6.70 -47.71 -21.17
N GLN A 184 7.34 -48.63 -21.90
CA GLN A 184 8.20 -49.67 -21.31
C GLN A 184 9.63 -49.17 -21.19
N SER A 185 10.48 -49.84 -20.38
CA SER A 185 11.88 -49.41 -20.21
C SER A 185 12.69 -49.46 -21.53
N SER A 186 12.19 -50.20 -22.55
CA SER A 186 12.77 -50.37 -23.90
C SER A 186 12.57 -49.13 -24.80
N GLY A 187 11.64 -48.24 -24.40
CA GLY A 187 11.28 -47.03 -25.15
C GLY A 187 10.13 -47.28 -26.11
N LEU A 188 9.51 -48.48 -26.02
CA LEU A 188 8.39 -48.87 -26.88
C LEU A 188 7.11 -48.95 -26.07
N TYR A 189 6.00 -48.65 -26.72
CA TYR A 189 4.67 -48.66 -26.12
C TYR A 189 4.00 -50.04 -26.10
N SER A 190 3.00 -50.16 -25.25
CA SER A 190 2.25 -51.37 -25.01
C SER A 190 0.85 -51.02 -24.47
N LEU A 191 -0.20 -51.54 -25.11
CA LEU A 191 -1.56 -51.42 -24.62
C LEU A 191 -2.28 -52.77 -24.72
N SER A 192 -3.39 -52.88 -24.02
CA SER A 192 -4.26 -54.01 -24.07
C SER A 192 -5.73 -53.55 -24.21
N SER A 193 -6.49 -54.31 -25.02
CA SER A 193 -7.91 -54.12 -25.24
C SER A 193 -8.58 -55.41 -24.79
N VAL A 194 -9.63 -55.29 -23.97
CA VAL A 194 -10.36 -56.43 -23.46
C VAL A 194 -11.85 -56.29 -23.75
N VAL A 195 -12.58 -57.42 -23.70
CA VAL A 195 -14.03 -57.49 -23.86
C VAL A 195 -14.60 -58.51 -22.84
N THR A 196 -15.72 -58.17 -22.20
CA THR A 196 -16.44 -59.10 -21.32
C THR A 196 -17.66 -59.64 -22.10
N VAL A 197 -17.72 -60.97 -22.29
CA VAL A 197 -18.72 -61.70 -23.07
C VAL A 197 -19.35 -62.88 -22.27
N PRO A 198 -20.54 -63.43 -22.66
CA PRO A 198 -21.06 -64.59 -21.89
C PRO A 198 -20.29 -65.86 -22.17
N SER A 199 -20.13 -66.70 -21.13
CA SER A 199 -19.41 -67.98 -21.17
C SER A 199 -19.99 -68.93 -22.21
N SER A 200 -21.33 -68.93 -22.36
CA SER A 200 -22.10 -69.75 -23.31
C SER A 200 -21.69 -69.53 -24.78
N SER A 201 -21.48 -68.26 -25.18
CA SER A 201 -21.11 -67.82 -26.53
C SER A 201 -19.76 -68.37 -27.06
N LEU A 202 -18.83 -68.71 -26.15
CA LEU A 202 -17.51 -69.24 -26.50
C LEU A 202 -17.62 -70.56 -27.27
N GLY A 203 -16.94 -70.62 -28.42
CA GLY A 203 -17.00 -71.77 -29.33
C GLY A 203 -17.86 -71.44 -30.54
N THR A 204 -19.07 -70.89 -30.29
CA THR A 204 -20.05 -70.46 -31.30
C THR A 204 -19.72 -69.06 -31.89
N LYS A 205 -19.85 -67.97 -31.05
CA LYS A 205 -19.56 -66.58 -31.44
C LYS A 205 -18.05 -66.34 -31.54
N THR A 206 -17.64 -65.66 -32.62
CA THR A 206 -16.28 -65.28 -32.94
C THR A 206 -15.95 -63.86 -32.39
N TYR A 207 -14.72 -63.68 -31.87
CA TYR A 207 -14.24 -62.42 -31.26
C TYR A 207 -12.88 -62.06 -31.82
N THR A 208 -12.85 -61.01 -32.67
CA THR A 208 -11.66 -60.57 -33.41
C THR A 208 -11.30 -59.15 -33.04
N CYS A 209 -10.04 -58.90 -32.73
CA CYS A 209 -9.56 -57.54 -32.47
C CYS A 209 -8.89 -57.04 -33.76
N ASN A 210 -9.12 -55.80 -34.09
CA ASN A 210 -8.59 -55.22 -35.29
C ASN A 210 -7.63 -54.11 -34.88
N VAL A 211 -6.36 -54.34 -35.16
CA VAL A 211 -5.30 -53.44 -34.76
C VAL A 211 -4.79 -52.62 -35.93
N ASP A 212 -4.60 -51.30 -35.71
CA ASP A 212 -4.09 -50.37 -36.68
C ASP A 212 -3.05 -49.45 -36.06
N HIS A 213 -1.80 -49.54 -36.58
CA HIS A 213 -0.68 -48.68 -36.23
C HIS A 213 -0.30 -48.00 -37.52
N LYS A 214 -0.93 -46.83 -37.79
CA LYS A 214 -0.75 -46.03 -39.00
C LYS A 214 0.72 -45.62 -39.24
N PRO A 215 1.52 -45.21 -38.22
CA PRO A 215 2.93 -44.86 -38.50
C PRO A 215 3.77 -45.93 -39.19
N SER A 216 3.57 -47.21 -38.83
CA SER A 216 4.31 -48.33 -39.43
C SER A 216 3.50 -49.00 -40.56
N ASN A 217 2.24 -48.57 -40.74
CA ASN A 217 1.28 -49.12 -41.70
C ASN A 217 1.02 -50.62 -41.41
N THR A 218 0.73 -50.92 -40.14
CA THR A 218 0.45 -52.25 -39.63
C THR A 218 -1.04 -52.34 -39.34
N LYS A 219 -1.71 -53.25 -40.06
CA LYS A 219 -3.12 -53.62 -39.91
C LYS A 219 -3.12 -55.13 -39.60
N VAL A 220 -3.78 -55.53 -38.50
CA VAL A 220 -3.79 -56.91 -38.04
C VAL A 220 -5.18 -57.28 -37.52
N ASP A 221 -5.67 -58.48 -37.89
CA ASP A 221 -6.91 -59.01 -37.34
C ASP A 221 -6.58 -60.30 -36.59
N LYS A 222 -6.96 -60.41 -35.31
CA LYS A 222 -6.65 -61.59 -34.53
C LYS A 222 -7.90 -62.14 -33.85
N ARG A 223 -8.26 -63.36 -34.26
CA ARG A 223 -9.36 -64.06 -33.63
C ARG A 223 -8.77 -64.72 -32.39
N VAL A 224 -9.45 -64.53 -31.24
CA VAL A 224 -8.99 -64.95 -29.93
C VAL A 224 -9.87 -66.09 -29.44
N GLU B 1 10.28 -19.21 -5.28
CA GLU B 1 9.18 -19.12 -6.23
C GLU B 1 7.84 -19.51 -5.58
N ILE B 2 6.71 -19.17 -6.24
CA ILE B 2 5.35 -19.46 -5.81
C ILE B 2 4.99 -20.96 -5.99
N VAL B 3 4.27 -21.53 -4.99
CA VAL B 3 3.73 -22.90 -5.01
C VAL B 3 2.23 -22.81 -4.71
N LEU B 4 1.39 -23.18 -5.69
CA LEU B 4 -0.07 -23.19 -5.51
C LEU B 4 -0.46 -24.63 -5.17
N THR B 5 -1.09 -24.83 -3.99
CA THR B 5 -1.52 -26.13 -3.47
C THR B 5 -3.01 -26.27 -3.60
N GLN B 6 -3.45 -27.20 -4.47
CA GLN B 6 -4.86 -27.47 -4.65
C GLN B 6 -5.37 -28.55 -3.70
N SER B 7 -6.60 -28.37 -3.20
CA SER B 7 -7.21 -29.32 -2.30
C SER B 7 -8.73 -29.45 -2.48
N PRO B 8 -9.28 -30.70 -2.41
CA PRO B 8 -8.54 -31.98 -2.29
C PRO B 8 -8.00 -32.38 -3.68
N ALA B 9 -7.23 -33.48 -3.79
CA ALA B 9 -6.72 -33.95 -5.10
C ALA B 9 -7.90 -34.42 -5.98
N THR B 10 -8.89 -35.08 -5.35
CA THR B 10 -10.10 -35.58 -5.98
C THR B 10 -11.35 -35.21 -5.17
N LEU B 11 -12.41 -34.88 -5.87
CA LEU B 11 -13.70 -34.51 -5.30
C LEU B 11 -14.77 -35.42 -5.95
N SER B 12 -15.48 -36.24 -5.15
CA SER B 12 -16.52 -37.19 -5.62
C SER B 12 -17.88 -36.67 -5.27
N LEU B 13 -18.66 -36.31 -6.29
CA LEU B 13 -19.97 -35.68 -6.13
C LEU B 13 -20.92 -36.11 -7.25
N SER B 14 -22.19 -35.86 -7.04
CA SER B 14 -23.27 -36.21 -7.95
C SER B 14 -23.76 -34.97 -8.67
N PRO B 15 -24.40 -35.11 -9.86
CA PRO B 15 -24.96 -33.92 -10.52
C PRO B 15 -26.00 -33.23 -9.61
N GLY B 16 -26.02 -31.90 -9.65
CA GLY B 16 -26.90 -31.08 -8.82
C GLY B 16 -26.27 -30.59 -7.54
N GLU B 17 -25.22 -31.27 -7.07
CA GLU B 17 -24.51 -30.90 -5.84
C GLU B 17 -23.61 -29.68 -6.05
N ARG B 18 -23.24 -29.04 -4.95
CA ARG B 18 -22.32 -27.89 -4.94
C ARG B 18 -20.89 -28.41 -4.73
N ALA B 19 -19.96 -27.93 -5.59
CA ALA B 19 -18.53 -28.27 -5.56
C ALA B 19 -17.74 -27.07 -5.11
N THR B 20 -16.85 -27.25 -4.12
CA THR B 20 -16.00 -26.20 -3.56
C THR B 20 -14.56 -26.66 -3.66
N LEU B 21 -13.73 -25.90 -4.41
CA LEU B 21 -12.30 -26.20 -4.67
C LEU B 21 -11.38 -25.16 -4.08
N SER B 22 -10.32 -25.63 -3.41
CA SER B 22 -9.30 -24.81 -2.75
C SER B 22 -7.97 -24.72 -3.51
N CYS B 23 -7.35 -23.53 -3.42
CA CYS B 23 -6.04 -23.20 -3.96
C CYS B 23 -5.36 -22.29 -2.93
N ARG B 24 -4.25 -22.73 -2.36
CA ARG B 24 -3.52 -21.98 -1.35
C ARG B 24 -2.12 -21.61 -1.86
N ALA B 25 -1.88 -20.31 -2.05
CA ALA B 25 -0.59 -19.80 -2.52
C ALA B 25 0.43 -19.79 -1.38
N SER B 26 1.72 -20.07 -1.71
CA SER B 26 2.86 -20.12 -0.76
C SER B 26 3.10 -18.75 -0.09
N GLN B 27 2.82 -17.67 -0.84
CA GLN B 27 2.90 -16.26 -0.43
C GLN B 27 1.95 -15.44 -1.31
N SER B 28 1.73 -14.16 -0.96
CA SER B 28 0.81 -13.27 -1.66
C SER B 28 1.02 -13.22 -3.15
N ILE B 29 -0.09 -13.30 -3.88
CA ILE B 29 -0.15 -13.20 -5.34
C ILE B 29 -1.22 -12.16 -5.64
N SER B 30 -1.41 -11.21 -4.67
CA SER B 30 -2.43 -10.16 -4.73
C SER B 30 -3.77 -10.87 -5.03
N ASN B 31 -4.43 -10.56 -6.15
CA ASN B 31 -5.69 -11.18 -6.55
C ASN B 31 -5.57 -11.75 -7.98
N ASN B 32 -4.32 -11.92 -8.44
CA ASN B 32 -4.01 -12.41 -9.78
C ASN B 32 -3.96 -13.94 -9.82
N LEU B 33 -5.08 -14.56 -9.43
CA LEU B 33 -5.32 -15.99 -9.39
C LEU B 33 -6.47 -16.30 -10.35
N HIS B 34 -6.23 -17.21 -11.31
CA HIS B 34 -7.23 -17.57 -12.33
C HIS B 34 -7.61 -19.07 -12.28
N TRP B 35 -8.83 -19.40 -12.69
CA TRP B 35 -9.37 -20.76 -12.64
C TRP B 35 -9.62 -21.30 -14.05
N TYR B 36 -9.15 -22.55 -14.29
CA TYR B 36 -9.24 -23.22 -15.59
C TYR B 36 -9.83 -24.61 -15.43
N GLN B 37 -10.56 -25.04 -16.47
CA GLN B 37 -11.12 -26.37 -16.56
C GLN B 37 -10.38 -27.14 -17.67
N GLN B 38 -10.12 -28.45 -17.47
CA GLN B 38 -9.51 -29.28 -18.52
C GLN B 38 -10.19 -30.64 -18.66
N LYS B 39 -10.65 -30.91 -19.87
CA LYS B 39 -11.28 -32.17 -20.24
C LYS B 39 -10.24 -33.04 -21.00
N PRO B 40 -10.33 -34.39 -20.97
CA PRO B 40 -9.33 -35.22 -21.65
C PRO B 40 -9.23 -34.94 -23.15
N GLY B 41 -7.98 -34.75 -23.61
CA GLY B 41 -7.66 -34.42 -25.00
C GLY B 41 -7.85 -32.97 -25.40
N GLN B 42 -8.17 -32.07 -24.45
CA GLN B 42 -8.40 -30.64 -24.78
C GLN B 42 -7.48 -29.69 -23.99
N ALA B 43 -7.30 -28.47 -24.50
CA ALA B 43 -6.52 -27.42 -23.85
C ALA B 43 -7.30 -26.87 -22.62
N PRO B 44 -6.61 -26.34 -21.58
CA PRO B 44 -7.34 -25.73 -20.46
C PRO B 44 -8.24 -24.58 -20.94
N ARG B 45 -9.41 -24.44 -20.31
CA ARG B 45 -10.43 -23.42 -20.63
C ARG B 45 -10.63 -22.52 -19.43
N LEU B 46 -10.34 -21.21 -19.60
CA LEU B 46 -10.48 -20.21 -18.53
C LEU B 46 -11.93 -20.03 -18.12
N LEU B 47 -12.19 -20.11 -16.79
CA LEU B 47 -13.50 -20.03 -16.15
C LEU B 47 -13.70 -18.70 -15.41
N ILE B 48 -12.76 -18.37 -14.51
CA ILE B 48 -12.78 -17.20 -13.66
C ILE B 48 -11.40 -16.53 -13.71
N TYR B 49 -11.37 -15.20 -13.92
CA TYR B 49 -10.13 -14.43 -13.93
C TYR B 49 -10.12 -13.42 -12.78
N TYR B 50 -8.91 -13.06 -12.30
CA TYR B 50 -8.69 -12.09 -11.22
C TYR B 50 -9.61 -12.37 -10.01
N THR B 51 -9.50 -13.59 -9.47
CA THR B 51 -10.17 -14.13 -8.27
C THR B 51 -11.69 -14.33 -8.42
N SER B 52 -12.44 -13.34 -8.93
CA SER B 52 -13.89 -13.43 -8.97
C SER B 52 -14.57 -12.91 -10.22
N ARG B 53 -13.79 -12.49 -11.25
CA ARG B 53 -14.41 -11.89 -12.43
C ARG B 53 -14.93 -12.91 -13.43
N SER B 54 -15.97 -12.52 -14.16
CA SER B 54 -16.69 -13.35 -15.11
C SER B 54 -16.01 -13.44 -16.47
N VAL B 55 -16.20 -14.57 -17.16
CA VAL B 55 -15.57 -14.82 -18.45
C VAL B 55 -16.65 -15.09 -19.50
N SER B 56 -16.53 -14.42 -20.65
CA SER B 56 -17.46 -14.51 -21.76
C SER B 56 -17.69 -15.95 -22.18
N GLY B 57 -18.97 -16.35 -22.20
CA GLY B 57 -19.39 -17.70 -22.56
C GLY B 57 -19.42 -18.68 -21.40
N ILE B 58 -19.01 -18.26 -20.17
CA ILE B 58 -18.96 -19.15 -19.02
C ILE B 58 -20.24 -19.09 -18.21
N PRO B 59 -20.92 -20.26 -17.97
CA PRO B 59 -22.19 -20.26 -17.24
C PRO B 59 -22.09 -19.70 -15.83
N ALA B 60 -23.25 -19.16 -15.36
CA ALA B 60 -23.43 -18.51 -14.05
C ALA B 60 -23.12 -19.40 -12.85
N ARG B 61 -23.34 -20.75 -12.97
CA ARG B 61 -23.05 -21.73 -11.90
C ARG B 61 -21.60 -21.64 -11.33
N PHE B 62 -20.66 -21.09 -12.15
CA PHE B 62 -19.25 -20.91 -11.81
C PHE B 62 -19.02 -19.56 -11.17
N SER B 63 -18.39 -19.57 -9.99
CA SER B 63 -18.00 -18.37 -9.26
C SER B 63 -16.73 -18.64 -8.49
N GLY B 64 -15.99 -17.58 -8.20
CA GLY B 64 -14.77 -17.66 -7.44
C GLY B 64 -14.74 -16.60 -6.36
N SER B 65 -13.89 -16.83 -5.34
CA SER B 65 -13.68 -15.96 -4.21
C SER B 65 -12.31 -16.22 -3.66
N GLY B 66 -11.82 -15.32 -2.81
CA GLY B 66 -10.51 -15.48 -2.21
C GLY B 66 -10.19 -14.42 -1.18
N SER B 67 -9.40 -14.80 -0.15
CA SER B 67 -8.98 -13.89 0.92
C SER B 67 -7.44 -13.86 1.05
N GLY B 68 -6.83 -13.05 0.17
CA GLY B 68 -5.39 -12.78 0.10
C GLY B 68 -4.44 -13.90 -0.30
N THR B 69 -4.46 -15.00 0.46
CA THR B 69 -3.60 -16.18 0.29
C THR B 69 -4.43 -17.47 0.01
N ASP B 70 -5.76 -17.41 0.24
CA ASP B 70 -6.62 -18.58 0.08
C ASP B 70 -7.70 -18.32 -0.93
N PHE B 71 -7.81 -19.20 -1.94
CA PHE B 71 -8.77 -19.00 -3.01
C PHE B 71 -9.77 -20.14 -3.10
N THR B 72 -10.93 -19.87 -3.66
CA THR B 72 -11.96 -20.87 -3.77
C THR B 72 -12.68 -20.77 -5.10
N LEU B 73 -12.97 -21.92 -5.71
CA LEU B 73 -13.80 -22.01 -6.90
C LEU B 73 -15.06 -22.74 -6.42
N THR B 74 -16.22 -22.17 -6.76
CA THR B 74 -17.51 -22.74 -6.40
C THR B 74 -18.28 -23.02 -7.67
N ILE B 75 -18.86 -24.22 -7.74
CA ILE B 75 -19.75 -24.64 -8.82
C ILE B 75 -21.08 -24.93 -8.13
N SER B 76 -22.02 -23.98 -8.22
CA SER B 76 -23.34 -23.95 -7.55
C SER B 76 -24.10 -25.27 -7.56
N SER B 77 -24.36 -25.81 -8.77
CA SER B 77 -25.04 -27.07 -9.02
C SER B 77 -24.40 -27.72 -10.25
N LEU B 78 -23.76 -28.87 -10.02
CA LEU B 78 -23.04 -29.64 -11.03
C LEU B 78 -23.89 -30.17 -12.17
N GLU B 79 -23.43 -29.91 -13.39
CA GLU B 79 -24.02 -30.41 -14.60
C GLU B 79 -23.13 -31.59 -15.06
N PRO B 80 -23.62 -32.53 -15.91
CA PRO B 80 -22.76 -33.65 -16.34
C PRO B 80 -21.46 -33.24 -17.01
N GLU B 81 -21.49 -32.12 -17.74
CA GLU B 81 -20.34 -31.57 -18.46
C GLU B 81 -19.30 -30.89 -17.53
N ASP B 82 -19.54 -30.87 -16.20
CA ASP B 82 -18.65 -30.23 -15.22
C ASP B 82 -17.65 -31.19 -14.60
N PHE B 83 -17.81 -32.48 -14.88
CA PHE B 83 -16.91 -33.47 -14.34
C PHE B 83 -15.63 -33.45 -15.18
N ALA B 84 -14.54 -32.93 -14.57
CA ALA B 84 -13.25 -32.70 -15.23
C ALA B 84 -12.17 -32.30 -14.18
N VAL B 85 -10.99 -31.90 -14.67
CA VAL B 85 -9.84 -31.42 -13.88
C VAL B 85 -9.90 -29.89 -13.90
N TYR B 86 -9.59 -29.29 -12.75
CA TYR B 86 -9.60 -27.85 -12.51
C TYR B 86 -8.27 -27.44 -11.96
N TYR B 87 -7.68 -26.41 -12.58
CA TYR B 87 -6.41 -25.85 -12.14
C TYR B 87 -6.58 -24.41 -11.71
N CYS B 88 -5.74 -23.97 -10.80
CA CYS B 88 -5.67 -22.58 -10.43
C CYS B 88 -4.32 -22.13 -10.96
N GLY B 89 -4.26 -20.93 -11.50
CA GLY B 89 -3.02 -20.36 -12.03
C GLY B 89 -2.77 -18.91 -11.65
N GLN B 90 -1.59 -18.64 -11.09
CA GLN B 90 -1.11 -17.33 -10.71
C GLN B 90 -0.27 -16.66 -11.82
N ASN B 91 -0.49 -15.37 -12.06
CA ASN B 91 0.27 -14.57 -13.03
C ASN B 91 0.63 -13.18 -12.47
N ASN B 92 0.75 -13.08 -11.12
CA ASN B 92 1.11 -11.88 -10.40
C ASN B 92 2.60 -11.64 -10.65
N GLU B 93 3.39 -12.71 -10.51
CA GLU B 93 4.81 -12.70 -10.75
C GLU B 93 5.19 -13.72 -11.81
N TRP B 94 6.43 -13.60 -12.34
CA TRP B 94 6.98 -14.54 -13.29
C TRP B 94 8.08 -15.35 -12.61
N PRO B 95 8.11 -16.68 -12.78
CA PRO B 95 7.29 -17.49 -13.70
C PRO B 95 5.86 -17.70 -13.26
N GLU B 96 4.94 -17.81 -14.24
CA GLU B 96 3.55 -18.16 -13.94
C GLU B 96 3.62 -19.59 -13.35
N VAL B 97 2.80 -19.85 -12.36
CA VAL B 97 2.76 -21.13 -11.66
C VAL B 97 1.30 -21.59 -11.60
N PHE B 98 1.09 -22.90 -11.73
CA PHE B 98 -0.23 -23.51 -11.65
C PHE B 98 -0.24 -24.51 -10.50
N GLY B 99 -1.42 -24.78 -9.96
CA GLY B 99 -1.58 -25.82 -8.94
C GLY B 99 -1.58 -27.21 -9.55
N GLY B 100 -1.53 -28.24 -8.70
CA GLY B 100 -1.51 -29.65 -9.07
C GLY B 100 -2.75 -30.20 -9.76
N GLY B 101 -3.89 -29.52 -9.57
CA GLY B 101 -5.17 -29.90 -10.16
C GLY B 101 -6.09 -30.58 -9.16
N THR B 102 -7.41 -30.52 -9.43
CA THR B 102 -8.45 -31.19 -8.66
C THR B 102 -9.36 -31.84 -9.69
N LYS B 103 -9.55 -33.15 -9.54
CA LYS B 103 -10.40 -33.93 -10.41
C LYS B 103 -11.75 -34.00 -9.75
N VAL B 104 -12.77 -33.63 -10.52
CA VAL B 104 -14.14 -33.68 -10.08
C VAL B 104 -14.75 -34.87 -10.83
N GLU B 105 -14.92 -35.96 -10.08
CA GLU B 105 -15.40 -37.29 -10.46
C GLU B 105 -16.88 -37.50 -10.06
N ILE B 106 -17.63 -38.26 -10.91
CA ILE B 106 -19.02 -38.64 -10.65
C ILE B 106 -19.04 -39.64 -9.49
N LYS B 107 -19.86 -39.34 -8.46
CA LYS B 107 -20.04 -40.20 -7.29
C LYS B 107 -21.04 -41.32 -7.64
N ARG B 108 -20.72 -42.52 -7.18
CA ARG B 108 -21.60 -43.67 -7.36
C ARG B 108 -21.38 -44.61 -6.18
N THR B 109 -22.19 -45.67 -6.12
CA THR B 109 -22.07 -46.67 -5.06
C THR B 109 -20.86 -47.53 -5.29
N VAL B 110 -20.34 -48.11 -4.19
CA VAL B 110 -19.20 -49.01 -4.20
C VAL B 110 -19.53 -50.24 -5.08
N ALA B 111 -18.64 -50.57 -6.02
CA ALA B 111 -18.77 -51.71 -6.92
C ALA B 111 -17.45 -52.45 -6.94
N ALA B 112 -17.50 -53.74 -6.50
CA ALA B 112 -16.37 -54.65 -6.44
C ALA B 112 -15.85 -54.96 -7.85
N PRO B 113 -14.53 -55.11 -8.05
CA PRO B 113 -14.04 -55.48 -9.39
C PRO B 113 -14.28 -56.96 -9.71
N SER B 114 -14.52 -57.24 -11.00
CA SER B 114 -14.58 -58.59 -11.54
C SER B 114 -13.13 -58.78 -11.99
N VAL B 115 -12.45 -59.78 -11.43
CA VAL B 115 -11.03 -60.02 -11.69
C VAL B 115 -10.81 -61.21 -12.61
N PHE B 116 -9.93 -61.05 -13.63
CA PHE B 116 -9.55 -62.05 -14.63
C PHE B 116 -8.03 -62.08 -14.82
N ILE B 117 -7.46 -63.27 -14.95
CA ILE B 117 -6.02 -63.45 -15.17
C ILE B 117 -5.82 -64.14 -16.52
N PHE B 118 -4.78 -63.73 -17.23
CA PHE B 118 -4.46 -64.25 -18.54
C PHE B 118 -3.02 -64.69 -18.58
N PRO B 119 -2.74 -65.95 -18.96
CA PRO B 119 -1.36 -66.39 -19.11
C PRO B 119 -0.72 -65.79 -20.34
N PRO B 120 0.62 -65.83 -20.51
CA PRO B 120 1.19 -65.41 -21.79
C PRO B 120 0.81 -66.44 -22.88
N SER B 121 0.85 -66.02 -24.13
CA SER B 121 0.55 -66.89 -25.27
C SER B 121 1.83 -67.62 -25.65
N ASP B 122 1.69 -68.83 -26.24
CA ASP B 122 2.82 -69.65 -26.70
C ASP B 122 3.58 -68.91 -27.80
N GLU B 123 2.84 -68.16 -28.64
CA GLU B 123 3.43 -67.33 -29.71
C GLU B 123 4.37 -66.31 -29.07
N GLN B 124 3.99 -65.70 -27.91
CA GLN B 124 4.88 -64.78 -27.19
C GLN B 124 6.08 -65.52 -26.59
N LEU B 125 5.84 -66.62 -25.86
CA LEU B 125 6.89 -67.46 -25.24
C LEU B 125 7.98 -67.86 -26.23
N LYS B 126 7.61 -68.13 -27.50
CA LYS B 126 8.54 -68.44 -28.58
C LYS B 126 9.52 -67.27 -28.86
N SER B 127 9.06 -66.00 -28.65
CA SER B 127 9.88 -64.78 -28.89
C SER B 127 10.87 -64.42 -27.74
N GLY B 128 10.73 -65.06 -26.57
CA GLY B 128 11.62 -64.84 -25.43
C GLY B 128 11.13 -64.01 -24.25
N THR B 129 9.83 -63.63 -24.26
CA THR B 129 9.21 -62.81 -23.21
C THR B 129 7.87 -63.42 -22.83
N ALA B 130 7.41 -63.16 -21.61
CA ALA B 130 6.12 -63.58 -21.12
C ALA B 130 5.42 -62.41 -20.42
N SER B 131 4.22 -62.01 -20.92
CA SER B 131 3.42 -60.96 -20.29
C SER B 131 2.21 -61.62 -19.69
N VAL B 132 2.04 -61.46 -18.38
CA VAL B 132 0.92 -62.02 -17.63
C VAL B 132 0.04 -60.84 -17.25
N VAL B 133 -1.21 -60.87 -17.69
CA VAL B 133 -2.14 -59.75 -17.53
C VAL B 133 -3.22 -60.10 -16.55
N CYS B 134 -3.49 -59.16 -15.63
CA CYS B 134 -4.56 -59.23 -14.65
C CYS B 134 -5.52 -58.06 -14.92
N LEU B 135 -6.81 -58.34 -15.04
CA LEU B 135 -7.85 -57.35 -15.31
C LEU B 135 -8.80 -57.18 -14.15
N LEU B 136 -9.08 -55.92 -13.78
CA LEU B 136 -10.04 -55.47 -12.76
C LEU B 136 -11.12 -54.72 -13.51
N ASN B 137 -12.26 -55.38 -13.71
CA ASN B 137 -13.36 -54.87 -14.50
C ASN B 137 -14.45 -54.19 -13.69
N ASN B 138 -14.86 -52.99 -14.15
CA ASN B 138 -15.93 -52.11 -13.67
C ASN B 138 -16.05 -52.04 -12.14
N PHE B 139 -15.13 -51.27 -11.52
CA PHE B 139 -15.10 -51.05 -10.07
C PHE B 139 -15.22 -49.56 -9.65
N TYR B 140 -15.65 -49.35 -8.40
CA TYR B 140 -15.81 -48.06 -7.79
C TYR B 140 -15.65 -48.16 -6.25
N PRO B 141 -14.83 -47.32 -5.56
CA PRO B 141 -14.02 -46.18 -6.07
C PRO B 141 -12.76 -46.61 -6.84
N ARG B 142 -12.01 -45.62 -7.38
CA ARG B 142 -10.77 -45.80 -8.14
C ARG B 142 -9.64 -46.54 -7.41
N GLU B 143 -9.48 -46.30 -6.09
CA GLU B 143 -8.42 -46.90 -5.27
C GLU B 143 -8.48 -48.42 -5.30
N ALA B 144 -7.41 -49.04 -5.79
CA ALA B 144 -7.34 -50.48 -5.90
C ALA B 144 -5.90 -50.91 -5.82
N LYS B 145 -5.67 -52.03 -5.17
CA LYS B 145 -4.33 -52.55 -5.03
C LYS B 145 -4.26 -53.92 -5.70
N VAL B 146 -3.27 -54.06 -6.57
CA VAL B 146 -2.95 -55.28 -7.29
C VAL B 146 -1.60 -55.73 -6.78
N GLN B 147 -1.52 -57.01 -6.38
CA GLN B 147 -0.28 -57.60 -5.93
C GLN B 147 0.00 -58.89 -6.70
N TRP B 148 1.08 -58.90 -7.48
CA TRP B 148 1.52 -60.10 -8.20
C TRP B 148 2.34 -60.97 -7.27
N LYS B 149 2.06 -62.28 -7.31
CA LYS B 149 2.77 -63.30 -6.52
C LYS B 149 3.21 -64.43 -7.46
N VAL B 150 4.52 -64.66 -7.52
CA VAL B 150 5.11 -65.72 -8.34
C VAL B 150 5.69 -66.75 -7.37
N ASP B 151 5.01 -67.91 -7.23
CA ASP B 151 5.32 -68.98 -6.28
C ASP B 151 5.30 -68.45 -4.84
N ASN B 152 4.24 -67.64 -4.54
CA ASN B 152 3.98 -66.98 -3.26
C ASN B 152 5.02 -65.89 -2.88
N ALA B 153 5.97 -65.58 -3.79
CA ALA B 153 6.93 -64.50 -3.59
C ALA B 153 6.28 -63.22 -4.12
N LEU B 154 6.23 -62.16 -3.30
CA LEU B 154 5.66 -60.87 -3.67
C LEU B 154 6.55 -60.18 -4.67
N GLN B 155 5.95 -59.63 -5.74
CA GLN B 155 6.67 -59.00 -6.84
C GLN B 155 6.64 -57.50 -6.77
N SER B 156 7.65 -56.86 -7.40
CA SER B 156 7.72 -55.40 -7.52
C SER B 156 8.73 -55.01 -8.57
N GLY B 157 8.48 -53.87 -9.20
CA GLY B 157 9.33 -53.28 -10.25
C GLY B 157 9.20 -53.91 -11.61
N ASN B 158 8.42 -55.03 -11.71
CA ASN B 158 8.26 -55.79 -12.96
C ASN B 158 6.81 -55.76 -13.52
N SER B 159 6.00 -54.79 -13.05
CA SER B 159 4.64 -54.61 -13.51
C SER B 159 4.32 -53.16 -13.83
N GLN B 160 3.33 -52.96 -14.70
CA GLN B 160 2.79 -51.67 -15.09
C GLN B 160 1.28 -51.79 -15.16
N GLU B 161 0.58 -50.82 -14.61
CA GLU B 161 -0.86 -50.78 -14.64
C GLU B 161 -1.36 -49.58 -15.45
N SER B 162 -2.57 -49.72 -15.98
CA SER B 162 -3.28 -48.76 -16.81
C SER B 162 -4.73 -48.72 -16.36
N VAL B 163 -5.34 -47.52 -16.28
CA VAL B 163 -6.73 -47.34 -15.81
C VAL B 163 -7.51 -46.56 -16.86
N THR B 164 -8.77 -46.96 -17.09
CA THR B 164 -9.64 -46.27 -18.04
C THR B 164 -10.20 -45.00 -17.34
N GLU B 165 -10.80 -44.11 -18.15
CA GLU B 165 -11.49 -42.94 -17.64
C GLU B 165 -12.83 -43.47 -17.16
N GLN B 166 -13.41 -42.85 -16.13
CA GLN B 166 -14.71 -43.20 -15.56
C GLN B 166 -15.73 -43.45 -16.70
N ASP B 167 -16.43 -44.59 -16.64
CA ASP B 167 -17.38 -45.01 -17.65
C ASP B 167 -18.60 -44.06 -17.75
N SER B 168 -18.92 -43.66 -19.00
CA SER B 168 -19.99 -42.70 -19.33
C SER B 168 -21.38 -43.14 -18.87
N LYS B 169 -21.66 -44.46 -18.92
CA LYS B 169 -22.96 -45.04 -18.57
C LYS B 169 -23.08 -45.59 -17.12
N ASP B 170 -22.02 -46.25 -16.59
CA ASP B 170 -22.10 -46.83 -15.24
C ASP B 170 -21.16 -46.18 -14.17
N SER B 171 -20.34 -45.16 -14.55
CA SER B 171 -19.44 -44.38 -13.67
C SER B 171 -18.39 -45.24 -12.91
N THR B 172 -17.99 -46.38 -13.48
CA THR B 172 -16.95 -47.22 -12.86
C THR B 172 -15.62 -47.02 -13.62
N TYR B 173 -14.57 -47.68 -13.11
CA TYR B 173 -13.23 -47.69 -13.67
C TYR B 173 -12.88 -49.13 -13.95
N SER B 174 -11.92 -49.34 -14.88
CA SER B 174 -11.36 -50.63 -15.18
C SER B 174 -9.86 -50.48 -15.17
N LEU B 175 -9.15 -51.51 -14.77
CA LEU B 175 -7.69 -51.46 -14.67
C LEU B 175 -7.08 -52.74 -15.22
N SER B 176 -5.92 -52.61 -15.87
CA SER B 176 -5.12 -53.75 -16.31
C SER B 176 -3.72 -53.65 -15.71
N SER B 177 -3.22 -54.74 -15.13
CA SER B 177 -1.84 -54.82 -14.63
C SER B 177 -1.15 -55.89 -15.43
N THR B 178 0.02 -55.59 -15.95
CA THR B 178 0.82 -56.53 -16.74
C THR B 178 2.16 -56.79 -16.05
N LEU B 179 2.45 -58.05 -15.70
CA LEU B 179 3.74 -58.52 -15.16
C LEU B 179 4.58 -59.05 -16.34
N THR B 180 5.68 -58.39 -16.67
CA THR B 180 6.57 -58.82 -17.75
C THR B 180 7.81 -59.49 -17.18
N LEU B 181 8.07 -60.70 -17.65
CA LEU B 181 9.23 -61.52 -17.32
C LEU B 181 9.87 -62.01 -18.60
N SER B 182 11.11 -62.48 -18.49
CA SER B 182 11.81 -63.13 -19.60
C SER B 182 11.27 -64.56 -19.59
N LYS B 183 11.40 -65.30 -20.71
CA LYS B 183 11.01 -66.72 -20.81
C LYS B 183 11.81 -67.55 -19.77
N ALA B 184 13.11 -67.25 -19.60
CA ALA B 184 14.03 -67.86 -18.62
C ALA B 184 13.44 -67.78 -17.21
N ASP B 185 13.14 -66.54 -16.71
CA ASP B 185 12.55 -66.31 -15.39
C ASP B 185 11.17 -66.98 -15.32
N TYR B 186 10.33 -66.80 -16.37
CA TYR B 186 8.98 -67.37 -16.42
C TYR B 186 8.96 -68.88 -16.28
N GLU B 187 9.88 -69.56 -17.01
CA GLU B 187 10.00 -71.02 -17.02
C GLU B 187 10.54 -71.63 -15.71
N LYS B 188 11.11 -70.80 -14.80
CA LYS B 188 11.65 -71.24 -13.50
C LYS B 188 10.59 -71.33 -12.38
N HIS B 189 9.32 -70.99 -12.69
CA HIS B 189 8.22 -70.96 -11.72
C HIS B 189 6.95 -71.58 -12.22
N LYS B 190 6.04 -71.94 -11.30
CA LYS B 190 4.77 -72.59 -11.60
C LYS B 190 3.54 -71.72 -11.33
N VAL B 191 3.34 -71.27 -10.07
CA VAL B 191 2.15 -70.52 -9.66
C VAL B 191 2.30 -69.01 -9.93
N TYR B 192 1.34 -68.50 -10.71
CA TYR B 192 1.24 -67.11 -11.12
C TYR B 192 -0.10 -66.64 -10.69
N ALA B 193 -0.11 -65.78 -9.67
CA ALA B 193 -1.33 -65.25 -9.07
C ALA B 193 -1.37 -63.73 -9.10
N CYS B 194 -2.58 -63.21 -9.09
CA CYS B 194 -2.91 -61.81 -9.05
C CYS B 194 -3.84 -61.59 -7.84
N GLU B 195 -3.38 -60.89 -6.77
CA GLU B 195 -4.19 -60.57 -5.58
C GLU B 195 -4.76 -59.14 -5.68
N VAL B 196 -6.08 -59.01 -5.61
CA VAL B 196 -6.79 -57.75 -5.76
C VAL B 196 -7.44 -57.32 -4.44
N THR B 197 -7.14 -56.08 -4.00
CA THR B 197 -7.64 -55.46 -2.78
C THR B 197 -8.44 -54.21 -3.16
N HIS B 198 -9.70 -54.16 -2.77
CA HIS B 198 -10.62 -53.07 -3.07
C HIS B 198 -11.64 -53.02 -1.94
N GLN B 199 -12.24 -51.83 -1.73
CA GLN B 199 -13.27 -51.58 -0.74
C GLN B 199 -14.51 -52.49 -0.93
N GLY B 200 -14.90 -52.72 -2.20
CA GLY B 200 -16.03 -53.56 -2.62
C GLY B 200 -15.89 -55.04 -2.29
N LEU B 201 -14.66 -55.49 -2.01
CA LEU B 201 -14.39 -56.88 -1.67
C LEU B 201 -14.20 -57.05 -0.17
N SER B 202 -14.94 -58.02 0.39
CA SER B 202 -14.83 -58.42 1.79
C SER B 202 -13.67 -59.42 1.75
N SER B 203 -12.45 -58.94 2.08
CA SER B 203 -11.14 -59.65 2.01
C SER B 203 -10.62 -59.80 0.54
N PRO B 204 -9.27 -59.79 0.30
CA PRO B 204 -8.76 -59.83 -1.09
C PRO B 204 -9.09 -61.07 -1.90
N VAL B 205 -9.18 -60.87 -3.24
CA VAL B 205 -9.51 -61.90 -4.23
C VAL B 205 -8.30 -62.26 -5.05
N THR B 206 -8.02 -63.57 -5.19
CA THR B 206 -6.90 -64.06 -5.96
C THR B 206 -7.37 -64.89 -7.17
N LYS B 207 -6.72 -64.64 -8.31
CA LYS B 207 -6.88 -65.35 -9.56
C LYS B 207 -5.54 -65.88 -9.93
N SER B 208 -5.45 -67.18 -10.14
CA SER B 208 -4.17 -67.80 -10.51
C SER B 208 -4.28 -68.86 -11.61
N PHE B 209 -3.13 -69.28 -12.12
CA PHE B 209 -2.94 -70.38 -13.04
C PHE B 209 -1.56 -70.98 -12.74
N ASN B 210 -1.35 -72.25 -13.17
CA ASN B 210 -0.09 -72.98 -13.08
C ASN B 210 0.49 -73.05 -14.49
N ARG B 211 1.78 -72.69 -14.65
CA ARG B 211 2.47 -72.67 -15.93
C ARG B 211 2.41 -74.03 -16.62
N GLY B 212 1.92 -74.01 -17.86
CA GLY B 212 1.77 -75.19 -18.71
C GLY B 212 0.56 -76.06 -18.40
N GLU B 213 -0.46 -75.51 -17.67
CA GLU B 213 -1.68 -76.26 -17.33
C GLU B 213 -2.93 -75.64 -17.94
N GLN C 1 28.07 25.75 19.94
CA GLN C 1 26.73 25.71 20.51
C GLN C 1 25.65 25.51 19.44
N VAL C 2 24.75 24.52 19.64
CA VAL C 2 23.66 24.20 18.71
C VAL C 2 22.56 25.27 18.85
N GLN C 3 22.51 26.19 17.85
CA GLN C 3 21.64 27.35 17.82
C GLN C 3 21.09 27.78 16.47
N LEU C 4 19.98 28.51 16.54
CA LEU C 4 19.32 29.20 15.45
C LEU C 4 19.09 30.60 16.01
N VAL C 5 19.89 31.56 15.55
CA VAL C 5 19.82 32.93 16.02
C VAL C 5 19.21 33.79 14.94
N GLN C 6 18.16 34.54 15.28
CA GLN C 6 17.45 35.39 14.33
C GLN C 6 17.75 36.88 14.49
N SER C 7 17.42 37.67 13.44
CA SER C 7 17.55 39.13 13.44
C SER C 7 16.51 39.75 14.43
N GLY C 8 16.73 41.03 14.78
CA GLY C 8 15.91 41.76 15.74
C GLY C 8 14.56 42.21 15.24
N ALA C 9 13.71 42.68 16.17
CA ALA C 9 12.36 43.18 15.91
C ALA C 9 12.36 44.30 14.84
N GLU C 10 11.32 44.31 14.03
CA GLU C 10 11.19 45.19 12.88
C GLU C 10 9.86 45.83 12.90
N VAL C 11 9.85 47.14 12.58
CA VAL C 11 8.65 47.92 12.46
C VAL C 11 8.66 48.38 11.02
N LYS C 12 7.61 47.99 10.30
CA LYS C 12 7.48 48.26 8.88
C LYS C 12 6.17 48.90 8.56
N LYS C 13 6.14 49.69 7.49
CA LYS C 13 4.97 50.41 7.07
C LYS C 13 4.17 49.61 6.05
N PRO C 14 2.83 49.67 6.10
CA PRO C 14 2.05 48.89 5.10
C PRO C 14 2.51 49.14 3.64
N GLY C 15 2.63 48.07 2.87
CA GLY C 15 3.11 48.11 1.49
C GLY C 15 4.60 47.83 1.38
N ALA C 16 5.37 48.08 2.46
CA ALA C 16 6.81 47.83 2.52
C ALA C 16 7.18 46.32 2.57
N SER C 17 8.48 46.07 2.75
CA SER C 17 9.11 44.75 2.75
C SER C 17 9.99 44.55 3.98
N VAL C 18 10.07 43.29 4.45
CA VAL C 18 10.95 42.92 5.57
C VAL C 18 11.80 41.72 5.16
N LYS C 19 13.06 41.71 5.60
CA LYS C 19 14.00 40.62 5.37
C LYS C 19 14.52 40.16 6.75
N VAL C 20 14.09 38.96 7.16
CA VAL C 20 14.45 38.37 8.46
C VAL C 20 15.57 37.38 8.20
N SER C 21 16.58 37.35 9.09
CA SER C 21 17.68 36.39 8.95
C SER C 21 17.64 35.29 10.07
N CYS C 22 18.27 34.14 9.79
CA CYS C 22 18.36 33.00 10.70
C CYS C 22 19.77 32.39 10.55
N LYS C 23 20.62 32.58 11.57
CA LYS C 23 22.00 32.09 11.59
C LYS C 23 22.17 30.76 12.34
N ALA C 24 22.46 29.69 11.58
CA ALA C 24 22.70 28.32 12.05
C ALA C 24 24.06 28.23 12.75
N SER C 25 24.14 27.45 13.83
CA SER C 25 25.37 27.31 14.61
C SER C 25 25.51 25.96 15.30
N GLY C 26 26.76 25.48 15.43
CA GLY C 26 27.13 24.25 16.12
C GLY C 26 26.62 22.94 15.53
N TYR C 27 26.35 22.92 14.20
CA TYR C 27 25.86 21.70 13.52
C TYR C 27 26.08 21.76 11.99
N GLU C 28 25.89 20.60 11.31
CA GLU C 28 26.04 20.51 9.87
C GLU C 28 24.85 21.16 9.17
N PHE C 29 25.03 22.46 8.81
CA PHE C 29 24.06 23.35 8.14
C PHE C 29 23.32 22.68 6.99
N THR C 30 24.09 21.93 6.18
CA THR C 30 23.67 21.19 5.00
C THR C 30 22.77 19.99 5.32
N SER C 31 22.86 19.44 6.56
CA SER C 31 22.12 18.24 7.02
C SER C 31 20.64 18.46 7.43
N TYR C 32 20.22 19.72 7.66
CA TYR C 32 18.84 20.02 8.09
C TYR C 32 18.12 21.02 7.18
N TRP C 33 16.82 20.78 6.88
CA TRP C 33 15.93 21.70 6.16
C TRP C 33 15.66 22.87 7.13
N ILE C 34 15.44 24.09 6.60
CA ILE C 34 15.09 25.20 7.48
C ILE C 34 13.74 25.69 7.07
N HIS C 35 12.79 25.71 8.01
CA HIS C 35 11.42 26.18 7.82
C HIS C 35 11.26 27.58 8.39
N TRP C 36 10.26 28.32 7.83
CA TRP C 36 9.76 29.60 8.32
C TRP C 36 8.29 29.37 8.65
N VAL C 37 7.97 29.59 9.93
CA VAL C 37 6.64 29.42 10.56
C VAL C 37 6.33 30.74 11.28
N ARG C 38 5.17 31.30 11.03
CA ARG C 38 4.78 32.54 11.70
C ARG C 38 3.63 32.35 12.69
N GLN C 39 3.58 33.20 13.71
CA GLN C 39 2.49 33.20 14.69
C GLN C 39 1.94 34.61 14.89
N ALA C 40 0.74 34.86 14.39
CA ALA C 40 0.02 36.12 14.57
C ALA C 40 -0.34 36.25 16.06
N PRO C 41 -0.41 37.48 16.62
CA PRO C 41 -0.67 37.62 18.07
C PRO C 41 -1.94 36.92 18.56
N GLY C 42 -1.75 36.01 19.52
CA GLY C 42 -2.82 35.21 20.10
C GLY C 42 -3.32 34.08 19.22
N GLN C 43 -2.63 33.82 18.06
CA GLN C 43 -3.03 32.77 17.12
C GLN C 43 -2.15 31.53 17.14
N GLY C 44 -2.45 30.63 16.23
CA GLY C 44 -1.69 29.40 16.03
C GLY C 44 -0.45 29.60 15.18
N LEU C 45 0.08 28.51 14.67
CA LEU C 45 1.30 28.45 13.85
C LEU C 45 0.96 28.22 12.39
N GLU C 46 1.61 29.02 11.51
CA GLU C 46 1.39 28.95 10.07
C GLU C 46 2.71 28.79 9.35
N TRP C 47 2.81 27.73 8.53
CA TRP C 47 4.03 27.41 7.77
C TRP C 47 4.05 28.27 6.52
N MET C 48 5.17 28.89 6.26
CA MET C 48 5.28 29.80 5.12
C MET C 48 6.05 29.17 3.99
N GLY C 49 6.97 28.29 4.36
CA GLY C 49 7.83 27.57 3.44
C GLY C 49 9.16 27.23 4.06
N ASN C 50 10.02 26.62 3.26
CA ASN C 50 11.36 26.21 3.69
C ASN C 50 12.37 26.40 2.58
N ILE C 51 13.64 26.13 2.88
CA ILE C 51 14.77 26.18 1.98
C ILE C 51 15.76 25.04 2.28
N SER C 52 16.37 24.47 1.21
CA SER C 52 17.44 23.47 1.32
C SER C 52 18.75 24.26 1.47
N PRO C 53 19.42 24.16 2.62
CA PRO C 53 20.67 24.94 2.84
C PRO C 53 21.89 24.52 1.99
N ASN C 54 21.67 23.73 0.93
CA ASN C 54 22.74 23.24 0.05
C ASN C 54 22.56 23.90 -1.29
N SER C 55 21.42 23.60 -1.92
CA SER C 55 20.99 24.10 -3.21
C SER C 55 20.35 25.51 -3.17
N GLY C 56 19.73 25.88 -2.04
CA GLY C 56 19.01 27.13 -1.93
C GLY C 56 17.65 27.01 -2.59
N SER C 57 17.27 25.76 -2.92
CA SER C 57 15.97 25.48 -3.50
C SER C 57 14.96 25.66 -2.36
N ALA C 58 13.98 26.53 -2.60
CA ALA C 58 13.00 26.93 -1.61
C ALA C 58 11.64 26.43 -1.99
N ASN C 59 10.81 26.13 -0.97
CA ASN C 59 9.44 25.66 -1.17
C ASN C 59 8.54 26.54 -0.38
N TYR C 60 7.45 27.02 -1.00
CA TYR C 60 6.55 28.00 -0.42
C TYR C 60 5.11 27.55 -0.34
N ASN C 61 4.41 28.05 0.68
CA ASN C 61 2.97 27.90 0.87
C ASN C 61 2.36 28.78 -0.23
N GLU C 62 1.39 28.23 -0.98
CA GLU C 62 0.70 28.93 -2.07
C GLU C 62 0.02 30.25 -1.61
N LYS C 63 -0.33 30.36 -0.32
CA LYS C 63 -0.92 31.54 0.33
C LYS C 63 0.06 32.73 0.35
N PHE C 64 1.38 32.44 0.45
CA PHE C 64 2.46 33.41 0.53
C PHE C 64 3.26 33.52 -0.74
N LYS C 65 3.15 32.50 -1.62
CA LYS C 65 3.76 32.50 -2.94
C LYS C 65 3.10 33.69 -3.67
N SER C 66 3.95 34.59 -4.17
CA SER C 66 3.70 35.87 -4.84
C SER C 66 4.35 36.99 -4.07
N ARG C 67 4.47 36.85 -2.72
CA ARG C 67 5.02 37.86 -1.81
C ARG C 67 6.26 37.42 -1.05
N VAL C 68 6.54 36.11 -0.96
CA VAL C 68 7.67 35.60 -0.16
C VAL C 68 8.77 35.02 -1.01
N THR C 69 10.02 35.21 -0.53
CA THR C 69 11.28 34.77 -1.10
C THR C 69 12.23 34.33 0.01
N MET C 70 12.69 33.09 -0.04
CA MET C 70 13.67 32.56 0.93
C MET C 70 14.99 32.35 0.23
N THR C 71 16.10 32.74 0.88
CA THR C 71 17.44 32.61 0.33
C THR C 71 18.42 32.12 1.39
N ARG C 72 19.60 31.66 0.99
CA ARG C 72 20.63 31.21 1.93
C ARG C 72 21.99 31.72 1.51
N ASP C 73 22.89 31.87 2.50
CA ASP C 73 24.28 32.29 2.30
C ASP C 73 25.16 31.29 3.07
N THR C 74 25.66 30.26 2.35
CA THR C 74 26.50 29.15 2.85
C THR C 74 27.75 29.63 3.62
N SER C 75 28.35 30.75 3.15
CA SER C 75 29.54 31.39 3.72
C SER C 75 29.30 31.89 5.16
N THR C 76 28.06 32.34 5.45
CA THR C 76 27.66 32.84 6.77
C THR C 76 26.82 31.80 7.53
N SER C 77 26.34 30.75 6.81
CA SER C 77 25.47 29.69 7.34
C SER C 77 24.18 30.32 7.90
N THR C 78 23.60 31.23 7.08
CA THR C 78 22.41 32.01 7.34
C THR C 78 21.37 31.77 6.26
N VAL C 79 20.09 31.82 6.65
CA VAL C 79 18.93 31.77 5.76
C VAL C 79 18.13 33.06 5.94
N TYR C 80 17.42 33.48 4.91
CA TYR C 80 16.66 34.72 4.92
C TYR C 80 15.23 34.46 4.50
N MET C 81 14.32 35.30 4.99
CA MET C 81 12.89 35.28 4.68
C MET C 81 12.50 36.70 4.29
N GLU C 82 12.11 36.92 3.03
CA GLU C 82 11.65 38.24 2.60
C GLU C 82 10.18 38.22 2.26
N LEU C 83 9.43 39.02 3.02
CA LEU C 83 7.98 39.17 2.84
C LEU C 83 7.72 40.59 2.29
N SER C 84 6.93 40.67 1.22
CA SER C 84 6.62 41.88 0.48
C SER C 84 5.15 42.27 0.57
N SER C 85 4.82 43.54 0.21
CA SER C 85 3.45 44.10 0.20
C SER C 85 2.79 43.90 1.56
N LEU C 86 3.52 44.25 2.63
CA LEU C 86 3.11 44.09 4.03
C LEU C 86 1.76 44.72 4.34
N ARG C 87 0.94 43.95 5.06
CA ARG C 87 -0.39 44.34 5.53
C ARG C 87 -0.46 44.14 7.04
N SER C 88 -1.42 44.76 7.71
CA SER C 88 -1.61 44.68 9.16
C SER C 88 -1.56 43.21 9.62
N GLU C 89 -2.20 42.33 8.84
CA GLU C 89 -2.35 40.88 8.99
C GLU C 89 -1.00 40.13 9.05
N ASP C 90 0.08 40.75 8.59
CA ASP C 90 1.43 40.18 8.62
C ASP C 90 2.15 40.48 9.91
N THR C 91 1.51 41.23 10.83
CA THR C 91 2.08 41.46 12.17
C THR C 91 2.04 40.08 12.85
N ALA C 92 3.22 39.52 13.11
CA ALA C 92 3.40 38.19 13.68
C ALA C 92 4.80 38.04 14.17
N VAL C 93 5.06 36.95 14.94
CA VAL C 93 6.39 36.54 15.38
C VAL C 93 6.80 35.50 14.34
N TYR C 94 7.93 35.72 13.67
CA TYR C 94 8.41 34.83 12.61
C TYR C 94 9.50 33.96 13.18
N TYR C 95 9.31 32.64 13.08
CA TYR C 95 10.30 31.69 13.58
C TYR C 95 10.95 30.92 12.45
N CYS C 96 12.23 30.63 12.60
CA CYS C 96 12.93 29.69 11.75
C CYS C 96 13.11 28.40 12.60
N ALA C 97 13.01 27.22 11.94
CA ALA C 97 13.12 25.90 12.58
C ALA C 97 13.83 24.88 11.68
N ARG C 98 14.62 23.96 12.29
CA ARG C 98 15.32 22.89 11.54
C ARG C 98 14.62 21.53 11.67
N GLU C 99 14.60 20.76 10.56
CA GLU C 99 14.03 19.42 10.41
C GLU C 99 15.09 18.49 9.78
N GLY C 100 15.48 17.46 10.52
CA GLY C 100 16.45 16.44 10.10
C GLY C 100 17.10 15.69 11.23
N PRO C 101 18.37 15.20 11.09
CA PRO C 101 19.22 15.29 9.89
C PRO C 101 18.79 14.34 8.79
N TYR C 102 19.11 14.72 7.56
CA TYR C 102 18.84 13.93 6.38
C TYR C 102 20.11 13.92 5.53
N SER C 103 20.34 12.79 4.82
CA SER C 103 21.50 12.58 3.94
C SER C 103 21.00 12.33 2.52
N TYR C 104 21.73 11.51 1.74
CA TYR C 104 21.32 11.15 0.39
C TYR C 104 20.40 9.94 0.42
N TYR C 105 19.96 9.54 1.62
CA TYR C 105 19.05 8.42 1.77
C TYR C 105 17.62 8.94 1.95
N PRO C 106 16.73 8.76 0.95
CA PRO C 106 15.33 9.18 1.14
C PRO C 106 14.62 8.28 2.16
N SER C 107 13.53 8.77 2.78
CA SER C 107 12.73 8.03 3.79
C SER C 107 11.27 8.46 3.75
N ARG C 108 10.37 7.54 4.07
CA ARG C 108 8.93 7.81 4.10
C ARG C 108 8.54 8.23 5.55
N GLU C 109 9.55 8.30 6.43
CA GLU C 109 9.45 8.62 7.84
C GLU C 109 10.34 9.81 8.12
N TYR C 110 9.73 10.89 8.72
CA TYR C 110 10.37 12.17 8.99
C TYR C 110 10.55 12.52 10.44
N TYR C 111 11.55 13.36 10.71
CA TYR C 111 11.83 13.93 12.01
C TYR C 111 10.88 15.14 12.17
N GLY C 112 10.86 15.72 13.37
CA GLY C 112 10.08 16.91 13.66
C GLY C 112 11.00 18.10 13.69
N SER C 113 10.43 19.31 13.87
CA SER C 113 11.24 20.52 13.94
C SER C 113 11.75 20.66 15.36
N ASP C 114 12.94 20.11 15.56
CA ASP C 114 13.56 19.95 16.89
C ASP C 114 14.24 21.18 17.42
N LEU C 115 14.60 22.10 16.55
CA LEU C 115 15.30 23.31 16.99
C LEU C 115 14.67 24.53 16.30
N TRP C 116 14.25 25.50 17.12
CA TRP C 116 13.61 26.75 16.71
C TRP C 116 14.46 27.94 17.14
N GLY C 117 14.44 29.02 16.33
CA GLY C 117 15.10 30.26 16.68
C GLY C 117 14.27 30.97 17.75
N GLN C 118 14.79 32.06 18.32
CA GLN C 118 14.12 32.84 19.35
C GLN C 118 12.88 33.63 18.82
N GLY C 119 12.69 33.64 17.50
CA GLY C 119 11.63 34.38 16.82
C GLY C 119 11.96 35.81 16.53
N THR C 120 11.29 36.40 15.54
CA THR C 120 11.43 37.80 15.15
C THR C 120 10.05 38.46 15.08
N LEU C 121 9.83 39.44 15.92
CA LEU C 121 8.57 40.16 15.81
C LEU C 121 8.71 41.18 14.68
N VAL C 122 7.69 41.18 13.81
CA VAL C 122 7.57 42.11 12.71
C VAL C 122 6.25 42.81 12.93
N THR C 123 6.27 44.14 13.09
CA THR C 123 5.09 44.96 13.30
C THR C 123 4.80 45.78 12.07
N VAL C 124 3.59 45.63 11.53
CA VAL C 124 3.15 46.37 10.35
C VAL C 124 2.22 47.49 10.83
N SER C 125 2.71 48.72 10.76
CA SER C 125 2.04 49.92 11.26
C SER C 125 2.53 51.18 10.54
N SER C 126 1.63 52.12 10.34
CA SER C 126 1.95 53.44 9.78
C SER C 126 2.39 54.45 10.90
N ALA C 127 2.37 54.01 12.16
CA ALA C 127 2.71 54.82 13.33
C ALA C 127 4.22 54.97 13.59
N SER C 128 4.57 56.04 14.34
CA SER C 128 5.91 56.42 14.75
C SER C 128 6.01 56.47 16.27
N THR C 129 7.26 56.38 16.80
CA THR C 129 7.52 56.43 18.24
C THR C 129 6.78 57.55 18.92
N LYS C 130 6.10 57.22 20.00
CA LYS C 130 5.29 58.14 20.80
C LYS C 130 5.19 57.59 22.23
N GLY C 131 5.44 58.48 23.21
CA GLY C 131 5.32 58.19 24.64
C GLY C 131 3.87 58.21 25.10
N PRO C 132 3.53 57.43 26.13
CA PRO C 132 2.13 57.41 26.58
C PRO C 132 1.70 58.63 27.39
N SER C 133 0.40 58.66 27.68
CA SER C 133 -0.27 59.60 28.57
C SER C 133 -0.78 58.73 29.68
N VAL C 134 -0.42 59.04 30.91
CA VAL C 134 -0.86 58.23 32.04
C VAL C 134 -2.03 58.90 32.75
N PHE C 135 -3.06 58.14 33.08
CA PHE C 135 -4.25 58.65 33.75
C PHE C 135 -4.58 57.81 34.95
N PRO C 136 -5.12 58.42 36.04
CA PRO C 136 -5.47 57.59 37.20
C PRO C 136 -6.76 56.84 36.95
N LEU C 137 -6.88 55.68 37.62
CA LEU C 137 -8.09 54.88 37.66
C LEU C 137 -8.49 54.89 39.15
N ALA C 138 -9.41 55.75 39.47
CA ALA C 138 -9.89 55.92 40.85
C ALA C 138 -11.42 55.77 40.87
N PRO C 139 -12.00 55.15 41.91
CA PRO C 139 -13.49 55.03 41.96
C PRO C 139 -14.21 56.40 42.05
N CYS C 140 -15.53 56.43 41.73
CA CYS C 140 -16.30 57.70 41.81
C CYS C 140 -16.33 58.19 43.29
N SER C 141 -16.88 57.36 44.22
CA SER C 141 -17.01 57.68 45.65
C SER C 141 -16.05 56.85 46.54
N ARG C 142 -16.18 57.00 47.89
CA ARG C 142 -15.38 56.26 48.88
C ARG C 142 -16.32 55.28 49.63
N SER C 143 -15.96 53.97 49.64
CA SER C 143 -16.77 52.89 50.23
C SER C 143 -16.36 52.49 51.65
N GLU C 146 -16.83 49.14 51.63
CA GLU C 146 -16.91 47.82 51.00
C GLU C 146 -15.88 46.80 51.53
N SER C 147 -14.65 47.29 51.94
CA SER C 147 -13.49 46.55 52.50
C SER C 147 -12.25 46.64 51.61
N THR C 148 -12.41 46.31 50.31
CA THR C 148 -11.34 46.41 49.32
C THR C 148 -11.70 47.43 48.27
N ALA C 149 -10.70 48.18 47.85
CA ALA C 149 -10.85 49.17 46.77
C ALA C 149 -9.91 48.79 45.62
N ALA C 150 -10.27 49.20 44.42
CA ALA C 150 -9.39 48.96 43.28
C ALA C 150 -8.92 50.31 42.83
N LEU C 151 -7.66 50.39 42.49
CA LEU C 151 -7.01 51.59 42.02
C LEU C 151 -6.18 51.16 40.82
N GLY C 152 -5.84 52.08 39.94
CA GLY C 152 -5.01 51.73 38.81
C GLY C 152 -4.45 52.92 38.06
N CYS C 153 -3.67 52.64 37.00
CA CYS C 153 -3.14 53.62 36.06
C CYS C 153 -3.48 53.17 34.62
N LEU C 154 -3.97 54.10 33.78
CA LEU C 154 -4.29 53.87 32.37
C LEU C 154 -3.15 54.42 31.55
N VAL C 155 -2.42 53.56 30.85
CA VAL C 155 -1.25 53.94 30.04
C VAL C 155 -1.67 53.88 28.56
N LYS C 156 -2.04 55.06 28.04
CA LYS C 156 -2.64 55.24 26.74
C LYS C 156 -1.79 55.92 25.72
N ASP C 157 -1.97 55.51 24.44
CA ASP C 157 -1.45 56.11 23.21
C ASP C 157 0.08 56.10 23.11
N TYR C 158 0.66 54.93 23.16
CA TYR C 158 2.10 54.81 22.96
C TYR C 158 2.44 53.86 21.81
N PHE C 159 3.63 54.03 21.27
CA PHE C 159 4.15 53.22 20.21
C PHE C 159 5.68 53.30 20.26
N PRO C 160 6.39 52.17 20.09
CA PRO C 160 5.90 50.79 19.96
C PRO C 160 5.76 50.17 21.36
N GLU C 161 5.55 48.85 21.44
CA GLU C 161 5.55 48.12 22.70
C GLU C 161 7.04 47.94 23.09
N PRO C 162 7.40 47.78 24.38
CA PRO C 162 6.55 47.64 25.58
C PRO C 162 6.56 48.86 26.53
N VAL C 163 5.70 48.79 27.55
CA VAL C 163 5.67 49.72 28.68
C VAL C 163 5.83 48.85 29.91
N THR C 164 6.60 49.32 30.89
CA THR C 164 6.72 48.60 32.16
C THR C 164 5.97 49.38 33.25
N VAL C 165 5.30 48.63 34.14
CA VAL C 165 4.56 49.23 35.23
C VAL C 165 4.88 48.51 36.54
N SER C 166 5.32 49.29 37.52
CA SER C 166 5.49 48.85 38.91
C SER C 166 4.64 49.77 39.84
N TRP C 167 4.44 49.31 41.10
CA TRP C 167 3.70 50.03 42.13
C TRP C 167 4.59 50.23 43.36
N ASN C 168 4.60 51.47 43.91
CA ASN C 168 5.40 51.90 45.08
C ASN C 168 6.87 51.52 44.92
N SER C 169 7.43 51.83 43.72
CA SER C 169 8.79 51.55 43.27
C SER C 169 9.21 50.07 43.48
N GLY C 170 8.27 49.13 43.26
CA GLY C 170 8.49 47.70 43.36
C GLY C 170 8.18 47.03 44.68
N ALA C 171 7.83 47.83 45.70
CA ALA C 171 7.48 47.33 47.04
C ALA C 171 6.09 46.70 47.08
N LEU C 172 5.20 47.09 46.14
CA LEU C 172 3.84 46.56 46.05
C LEU C 172 3.68 45.67 44.81
N THR C 173 3.69 44.34 45.02
CA THR C 173 3.59 43.33 43.97
C THR C 173 2.34 42.48 44.10
N SER C 174 1.95 42.20 45.34
CA SER C 174 0.76 41.41 45.67
C SER C 174 -0.52 42.17 45.29
N GLY C 175 -1.45 41.47 44.63
CA GLY C 175 -2.74 42.04 44.20
C GLY C 175 -2.70 42.92 42.95
N VAL C 176 -1.52 43.01 42.30
CA VAL C 176 -1.28 43.80 41.08
C VAL C 176 -1.63 43.01 39.83
N HIS C 177 -2.33 43.66 38.92
CA HIS C 177 -2.69 43.12 37.60
C HIS C 177 -2.38 44.15 36.53
N THR C 178 -1.28 43.92 35.82
CA THR C 178 -0.87 44.72 34.67
C THR C 178 -1.32 43.93 33.45
N PHE C 179 -2.32 44.49 32.75
CA PHE C 179 -2.96 43.86 31.59
C PHE C 179 -2.15 43.91 30.30
N PRO C 180 -2.35 42.91 29.42
CA PRO C 180 -1.66 42.95 28.11
C PRO C 180 -2.14 44.17 27.33
N ALA C 181 -1.23 44.80 26.58
CA ALA C 181 -1.60 45.97 25.79
C ALA C 181 -2.61 45.62 24.70
N VAL C 182 -3.47 46.59 24.32
CA VAL C 182 -4.43 46.45 23.23
C VAL C 182 -4.07 47.45 22.14
N LEU C 183 -4.28 47.05 20.86
CA LEU C 183 -3.99 47.93 19.76
C LEU C 183 -5.26 48.63 19.37
N GLN C 184 -5.22 49.97 19.39
CA GLN C 184 -6.39 50.80 19.09
C GLN C 184 -6.49 51.08 17.60
N SER C 185 -7.65 51.58 17.13
CA SER C 185 -7.88 51.89 15.71
C SER C 185 -6.94 52.99 15.18
N SER C 186 -6.30 53.76 16.10
CA SER C 186 -5.32 54.84 15.83
C SER C 186 -3.93 54.31 15.47
N GLY C 187 -3.68 53.05 15.78
CA GLY C 187 -2.38 52.40 15.56
C GLY C 187 -1.47 52.49 16.78
N LEU C 188 -2.02 53.02 17.89
CA LEU C 188 -1.27 53.18 19.14
C LEU C 188 -1.77 52.21 20.20
N TYR C 189 -0.87 51.81 21.08
CA TYR C 189 -1.15 50.88 22.16
C TYR C 189 -1.74 51.54 23.44
N SER C 190 -2.34 50.71 24.24
CA SER C 190 -3.01 51.09 25.47
C SER C 190 -3.05 49.90 26.43
N LEU C 191 -2.58 50.09 27.67
CA LEU C 191 -2.68 49.11 28.72
C LEU C 191 -3.13 49.77 30.03
N SER C 192 -3.59 48.94 30.95
CA SER C 192 -3.94 49.37 32.27
C SER C 192 -3.32 48.42 33.32
N SER C 193 -2.88 49.01 34.44
CA SER C 193 -2.35 48.30 35.59
C SER C 193 -3.27 48.65 36.76
N VAL C 194 -3.71 47.65 37.48
CA VAL C 194 -4.58 47.84 38.65
C VAL C 194 -3.97 47.16 39.91
N VAL C 195 -4.47 47.58 41.09
CA VAL C 195 -4.11 47.02 42.39
C VAL C 195 -5.34 46.99 43.29
N THR C 196 -5.52 45.89 44.03
CA THR C 196 -6.59 45.75 45.03
C THR C 196 -5.97 45.97 46.41
N VAL C 197 -6.47 46.99 47.14
CA VAL C 197 -5.95 47.44 48.45
C VAL C 197 -7.09 47.58 49.49
N PRO C 198 -6.81 47.59 50.83
CA PRO C 198 -7.94 47.75 51.79
C PRO C 198 -8.48 49.18 51.81
N SER C 199 -9.80 49.32 51.98
CA SER C 199 -10.51 50.60 52.00
C SER C 199 -10.00 51.51 53.12
N SER C 200 -9.63 50.92 54.29
CA SER C 200 -9.10 51.60 55.48
C SER C 200 -7.80 52.40 55.20
N SER C 201 -6.87 51.80 54.43
CA SER C 201 -5.57 52.35 54.05
C SER C 201 -5.62 53.65 53.22
N LEU C 202 -6.73 53.91 52.49
CA LEU C 202 -6.90 55.11 51.67
C LEU C 202 -6.86 56.39 52.53
N GLY C 203 -6.01 57.32 52.12
CA GLY C 203 -5.76 58.56 52.85
C GLY C 203 -4.41 58.51 53.55
N THR C 204 -4.16 57.39 54.27
CA THR C 204 -2.91 57.10 55.00
C THR C 204 -1.80 56.56 54.08
N LYS C 205 -1.97 55.30 53.55
CA LYS C 205 -1.01 54.65 52.64
C LYS C 205 -1.11 55.24 51.22
N THR C 206 0.05 55.51 50.59
CA THR C 206 0.10 56.07 49.23
C THR C 206 0.20 54.94 48.18
N TYR C 207 -0.39 55.16 46.99
CA TYR C 207 -0.30 54.21 45.88
C TYR C 207 0.12 54.96 44.61
N THR C 208 1.35 54.67 44.15
CA THR C 208 2.01 55.28 43.01
C THR C 208 2.46 54.23 41.99
N CYS C 209 2.04 54.43 40.72
CA CYS C 209 2.42 53.59 39.59
C CYS C 209 3.62 54.21 38.91
N ASN C 210 4.57 53.38 38.54
CA ASN C 210 5.79 53.85 37.92
C ASN C 210 5.82 53.34 36.51
N VAL C 211 5.70 54.27 35.57
CA VAL C 211 5.61 53.94 34.15
C VAL C 211 6.93 54.21 33.43
N ASP C 212 7.34 53.25 32.60
CA ASP C 212 8.56 53.36 31.79
C ASP C 212 8.29 52.87 30.35
N HIS C 213 8.49 53.78 29.36
CA HIS C 213 8.43 53.53 27.93
C HIS C 213 9.81 53.92 27.41
N LYS C 214 10.73 52.96 27.44
CA LYS C 214 12.13 53.14 27.01
C LYS C 214 12.25 53.67 25.56
N PRO C 215 11.45 53.20 24.55
CA PRO C 215 11.58 53.77 23.19
C PRO C 215 11.45 55.30 23.11
N SER C 216 10.55 55.91 23.90
CA SER C 216 10.35 57.37 23.88
C SER C 216 11.11 58.06 25.02
N ASN C 217 11.71 57.25 25.91
CA ASN C 217 12.44 57.68 27.11
C ASN C 217 11.49 58.47 28.06
N THR C 218 10.32 57.87 28.31
CA THR C 218 9.27 58.40 29.17
C THR C 218 9.27 57.60 30.47
N LYS C 219 9.54 58.31 31.58
CA LYS C 219 9.49 57.81 32.96
C LYS C 219 8.46 58.70 33.68
N VAL C 220 7.48 58.08 34.36
CA VAL C 220 6.40 58.80 35.02
C VAL C 220 6.04 58.11 36.32
N ASP C 221 5.82 58.89 37.39
CA ASP C 221 5.33 58.37 38.67
C ASP C 221 4.01 59.09 38.96
N LYS C 222 2.93 58.33 39.20
CA LYS C 222 1.63 58.91 39.45
C LYS C 222 0.99 58.33 40.69
N ARG C 223 0.81 59.19 41.75
CA ARG C 223 0.08 58.77 42.97
C ARG C 223 -1.40 58.87 42.62
N VAL C 224 -2.14 57.83 42.89
CA VAL C 224 -3.55 57.78 42.48
C VAL C 224 -4.52 58.08 43.65
N GLU D 1 -6.15 20.44 1.11
CA GLU D 1 -5.03 20.42 2.05
C GLU D 1 -5.44 19.77 3.38
N ILE D 2 -4.44 19.38 4.22
CA ILE D 2 -4.63 18.77 5.54
C ILE D 2 -5.15 19.76 6.60
N VAL D 3 -6.08 19.30 7.47
CA VAL D 3 -6.63 20.05 8.62
C VAL D 3 -6.45 19.18 9.87
N LEU D 4 -5.63 19.64 10.82
CA LEU D 4 -5.42 18.94 12.09
C LEU D 4 -6.31 19.63 13.13
N THR D 5 -7.22 18.84 13.74
CA THR D 5 -8.20 19.29 14.73
C THR D 5 -7.77 18.84 16.11
N GLN D 6 -7.39 19.81 16.96
CA GLN D 6 -7.01 19.50 18.33
C GLN D 6 -8.20 19.53 19.27
N SER D 7 -8.25 18.56 20.20
CA SER D 7 -9.33 18.49 21.19
C SER D 7 -8.85 18.04 22.59
N PRO D 8 -9.40 18.68 23.64
CA PRO D 8 -10.33 19.84 23.62
C PRO D 8 -9.50 21.12 23.38
N ALA D 9 -10.13 22.31 23.27
CA ALA D 9 -9.41 23.59 23.09
C ALA D 9 -8.62 23.91 24.37
N THR D 10 -9.24 23.59 25.52
CA THR D 10 -8.67 23.80 26.85
C THR D 10 -8.87 22.55 27.72
N LEU D 11 -7.84 22.22 28.49
CA LEU D 11 -7.84 21.09 29.39
C LEU D 11 -7.50 21.61 30.79
N SER D 12 -8.43 21.44 31.75
CA SER D 12 -8.29 21.93 33.11
C SER D 12 -7.99 20.75 34.04
N LEU D 13 -6.78 20.76 34.61
CA LEU D 13 -6.27 19.69 35.47
C LEU D 13 -5.37 20.24 36.57
N SER D 14 -5.08 19.41 37.55
CA SER D 14 -4.24 19.76 38.70
C SER D 14 -2.88 19.07 38.58
N PRO D 15 -1.81 19.59 39.24
CA PRO D 15 -0.51 18.90 39.20
C PRO D 15 -0.64 17.46 39.74
N GLY D 16 0.11 16.53 39.13
CA GLY D 16 0.09 15.11 39.47
C GLY D 16 -0.87 14.28 38.62
N GLU D 17 -1.87 14.93 38.01
CA GLU D 17 -2.86 14.24 37.18
C GLU D 17 -2.28 13.88 35.79
N ARG D 18 -2.92 12.93 35.13
CA ARG D 18 -2.56 12.50 33.79
C ARG D 18 -3.36 13.35 32.79
N ALA D 19 -2.62 13.85 31.77
CA ALA D 19 -3.11 14.69 30.69
C ALA D 19 -3.10 13.90 29.37
N THR D 20 -4.25 13.92 28.67
CA THR D 20 -4.44 13.22 27.41
C THR D 20 -4.97 14.23 26.40
N LEU D 21 -4.18 14.47 25.30
CA LEU D 21 -4.49 15.44 24.24
C LEU D 21 -4.70 14.77 22.91
N SER D 22 -5.76 15.19 22.19
CA SER D 22 -6.15 14.66 20.89
C SER D 22 -5.81 15.58 19.70
N CYS D 23 -5.46 14.94 18.56
CA CYS D 23 -5.18 15.56 17.27
C CYS D 23 -5.76 14.62 16.21
N ARG D 24 -6.73 15.10 15.42
CA ARG D 24 -7.37 14.30 14.38
C ARG D 24 -7.12 14.90 13.00
N ALA D 25 -6.42 14.14 12.13
CA ALA D 25 -6.09 14.55 10.75
C ALA D 25 -7.27 14.39 9.79
N SER D 26 -7.46 15.34 8.87
CA SER D 26 -8.53 15.34 7.85
C SER D 26 -8.47 14.11 6.93
N GLN D 27 -7.25 13.62 6.66
CA GLN D 27 -6.93 12.42 5.88
C GLN D 27 -5.57 11.89 6.32
N SER D 28 -5.15 10.70 5.83
CA SER D 28 -3.90 10.08 6.25
C SER D 28 -2.67 10.97 6.07
N ILE D 29 -1.85 11.01 7.13
CA ILE D 29 -0.58 11.73 7.20
C ILE D 29 0.44 10.69 7.65
N SER D 30 0.17 9.40 7.32
CA SER D 30 0.99 8.23 7.70
C SER D 30 1.18 8.34 9.24
N ASN D 31 2.43 8.44 9.71
CA ASN D 31 2.77 8.58 11.13
C ASN D 31 3.65 9.81 11.36
N ASN D 32 3.63 10.73 10.36
CA ASN D 32 4.44 11.94 10.38
C ASN D 32 3.68 13.09 11.08
N LEU D 33 3.34 12.83 12.37
CA LEU D 33 2.66 13.73 13.28
C LEU D 33 3.60 13.99 14.46
N HIS D 34 3.87 15.27 14.75
CA HIS D 34 4.80 15.68 15.81
C HIS D 34 4.10 16.55 16.88
N TRP D 35 4.60 16.50 18.12
CA TRP D 35 4.02 17.23 19.25
C TRP D 35 4.98 18.28 19.78
N TYR D 36 4.45 19.49 20.04
CA TYR D 36 5.22 20.66 20.48
C TYR D 36 4.55 21.32 21.66
N GLN D 37 5.38 21.88 22.54
CA GLN D 37 4.95 22.65 23.70
C GLN D 37 5.31 24.13 23.47
N GLN D 38 4.43 25.06 23.90
CA GLN D 38 4.76 26.48 23.82
C GLN D 38 4.38 27.24 25.09
N LYS D 39 5.36 27.90 25.67
CA LYS D 39 5.20 28.73 26.87
C LYS D 39 5.12 30.22 26.44
N PRO D 40 4.40 31.11 27.19
CA PRO D 40 4.31 32.52 26.76
C PRO D 40 5.66 33.17 26.58
N GLY D 41 5.83 33.84 25.41
CA GLY D 41 7.05 34.54 25.01
C GLY D 41 8.18 33.67 24.49
N GLN D 42 7.94 32.37 24.27
CA GLN D 42 8.98 31.44 23.80
C GLN D 42 8.57 30.70 22.50
N ALA D 43 9.57 30.16 21.80
CA ALA D 43 9.36 29.40 20.58
C ALA D 43 8.78 28.01 20.89
N PRO D 44 8.00 27.37 19.98
CA PRO D 44 7.55 25.99 20.24
C PRO D 44 8.73 25.03 20.44
N ARG D 45 8.58 24.07 21.35
CA ARG D 45 9.61 23.10 21.74
C ARG D 45 9.11 21.71 21.44
N LEU D 46 9.82 20.99 20.54
CA LEU D 46 9.44 19.65 20.12
C LEU D 46 9.56 18.66 21.30
N LEU D 47 8.48 17.86 21.51
CA LEU D 47 8.34 16.89 22.60
C LEU D 47 8.45 15.46 22.10
N ILE D 48 7.61 15.11 21.10
CA ILE D 48 7.51 13.78 20.49
C ILE D 48 7.52 13.92 18.97
N TYR D 49 8.36 13.11 18.30
CA TYR D 49 8.42 13.09 16.84
C TYR D 49 7.98 11.72 16.28
N TYR D 50 7.45 11.71 15.04
CA TYR D 50 6.97 10.52 14.34
C TYR D 50 6.07 9.66 15.23
N THR D 51 4.99 10.28 15.72
CA THR D 51 3.91 9.70 16.54
C THR D 51 4.33 9.30 17.97
N SER D 52 5.43 8.55 18.15
CA SER D 52 5.81 8.03 19.46
C SER D 52 7.27 8.06 19.82
N ARG D 53 8.12 8.66 18.97
CA ARG D 53 9.57 8.61 19.25
C ARG D 53 10.04 9.70 20.22
N SER D 54 11.15 9.41 20.90
CA SER D 54 11.71 10.23 21.97
C SER D 54 12.58 11.37 21.47
N VAL D 55 12.63 12.46 22.26
CA VAL D 55 13.38 13.64 21.88
C VAL D 55 14.39 13.99 22.98
N SER D 56 15.64 14.25 22.56
CA SER D 56 16.77 14.59 23.42
C SER D 56 16.42 15.76 24.32
N GLY D 57 16.61 15.56 25.62
CA GLY D 57 16.33 16.56 26.65
C GLY D 57 14.91 16.56 27.17
N ILE D 58 14.00 15.72 26.59
CA ILE D 58 12.58 15.70 26.98
C ILE D 58 12.32 14.68 28.09
N PRO D 59 11.72 15.11 29.25
CA PRO D 59 11.43 14.17 30.35
C PRO D 59 10.54 13.00 29.94
N ALA D 60 10.73 11.86 30.66
CA ALA D 60 10.05 10.58 30.47
C ALA D 60 8.52 10.64 30.57
N ARG D 61 7.96 11.57 31.42
CA ARG D 61 6.51 11.75 31.64
C ARG D 61 5.73 11.96 30.32
N PHE D 62 6.44 12.45 29.25
CA PHE D 62 5.88 12.71 27.93
C PHE D 62 5.97 11.49 27.03
N SER D 63 4.82 11.11 26.44
CA SER D 63 4.71 10.00 25.50
C SER D 63 3.58 10.27 24.51
N GLY D 64 3.68 9.66 23.34
CA GLY D 64 2.67 9.82 22.30
C GLY D 64 2.30 8.50 21.69
N SER D 65 1.12 8.46 21.05
CA SER D 65 0.56 7.29 20.38
C SER D 65 -0.39 7.74 19.30
N GLY D 66 -0.81 6.84 18.43
CA GLY D 66 -1.73 7.17 17.36
C GLY D 66 -2.12 6.01 16.49
N SER D 67 -3.22 6.20 15.71
CA SER D 67 -3.79 5.22 14.80
C SER D 67 -4.06 5.79 13.37
N GLY D 68 -3.01 6.31 12.73
CA GLY D 68 -3.05 6.83 11.37
C GLY D 68 -3.77 8.14 11.12
N THR D 69 -5.03 8.26 11.62
CA THR D 69 -5.87 9.47 11.47
C THR D 69 -6.20 10.13 12.84
N ASP D 70 -5.90 9.42 13.94
CA ASP D 70 -6.15 9.89 15.31
C ASP D 70 -4.88 9.76 16.12
N PHE D 71 -4.45 10.84 16.81
CA PHE D 71 -3.20 10.88 17.57
C PHE D 71 -3.44 11.31 19.01
N THR D 72 -2.52 10.96 19.90
CA THR D 72 -2.66 11.29 21.31
C THR D 72 -1.34 11.64 21.91
N LEU D 73 -1.33 12.68 22.75
CA LEU D 73 -0.17 13.05 23.56
C LEU D 73 -0.59 12.78 25.00
N THR D 74 0.26 12.05 25.74
CA THR D 74 0.03 11.71 27.13
C THR D 74 1.16 12.31 27.97
N ILE D 75 0.78 13.01 29.06
CA ILE D 75 1.67 13.55 30.08
C ILE D 75 1.24 12.70 31.32
N SER D 76 2.09 11.73 31.72
CA SER D 76 1.87 10.77 32.84
C SER D 76 1.38 11.41 34.17
N SER D 77 2.15 12.39 34.67
CA SER D 77 1.85 13.14 35.90
C SER D 77 2.36 14.57 35.70
N LEU D 78 1.41 15.52 35.70
CA LEU D 78 1.66 16.94 35.50
C LEU D 78 2.53 17.61 36.53
N GLU D 79 3.56 18.29 36.06
CA GLU D 79 4.45 19.10 36.87
C GLU D 79 4.00 20.56 36.68
N PRO D 80 4.35 21.50 37.60
CA PRO D 80 3.92 22.91 37.41
C PRO D 80 4.36 23.54 36.09
N GLU D 81 5.56 23.14 35.60
CA GLU D 81 6.13 23.62 34.35
C GLU D 81 5.45 23.03 33.07
N ASP D 82 4.41 22.18 33.23
CA ASP D 82 3.71 21.53 32.12
C ASP D 82 2.46 22.27 31.70
N PHE D 83 2.08 23.27 32.48
CA PHE D 83 0.91 24.09 32.15
C PHE D 83 1.33 25.08 31.05
N ALA D 84 0.84 24.83 29.83
CA ALA D 84 1.20 25.55 28.61
C ALA D 84 0.28 25.12 27.43
N VAL D 85 0.62 25.61 26.22
CA VAL D 85 -0.08 25.33 24.96
C VAL D 85 0.70 24.21 24.26
N TYR D 86 -0.04 23.30 23.63
CA TYR D 86 0.48 22.12 22.94
C TYR D 86 -0.10 22.07 21.58
N TYR D 87 0.77 21.93 20.56
CA TYR D 87 0.35 21.84 19.16
C TYR D 87 0.75 20.50 18.59
N CYS D 88 -0.01 20.05 17.62
CA CYS D 88 0.36 18.88 16.87
C CYS D 88 0.68 19.43 15.47
N GLY D 89 1.72 18.91 14.83
CA GLY D 89 2.13 19.31 13.50
C GLY D 89 2.47 18.17 12.56
N GLN D 90 1.83 18.17 11.39
CA GLN D 90 2.04 17.21 10.31
C GLN D 90 3.09 17.71 9.29
N ASN D 91 3.99 16.82 8.85
CA ASN D 91 5.01 17.13 7.84
C ASN D 91 5.16 15.97 6.81
N ASN D 92 4.05 15.22 6.62
CA ASN D 92 3.96 14.11 5.67
C ASN D 92 3.92 14.73 4.28
N GLU D 93 3.09 15.75 4.11
CA GLU D 93 2.98 16.50 2.87
C GLU D 93 3.25 17.99 3.10
N TRP D 94 3.45 18.72 2.00
CA TRP D 94 3.62 20.17 2.04
C TRP D 94 2.39 20.85 1.43
N PRO D 95 1.86 21.92 2.06
CA PRO D 95 2.42 22.64 3.22
C PRO D 95 2.27 21.92 4.55
N GLU D 96 3.23 22.13 5.45
CA GLU D 96 3.15 21.63 6.81
C GLU D 96 1.94 22.34 7.41
N VAL D 97 1.17 21.61 8.22
CA VAL D 97 -0.03 22.12 8.85
C VAL D 97 0.06 21.79 10.33
N PHE D 98 -0.44 22.72 11.17
CA PHE D 98 -0.47 22.54 12.61
C PHE D 98 -1.92 22.62 13.07
N GLY D 99 -2.20 22.02 14.22
CA GLY D 99 -3.53 22.14 14.83
C GLY D 99 -3.68 23.47 15.54
N GLY D 100 -4.92 23.77 15.96
CA GLY D 100 -5.30 24.99 16.67
C GLY D 100 -4.68 25.22 18.05
N GLY D 101 -4.19 24.15 18.69
CA GLY D 101 -3.57 24.16 20.00
C GLY D 101 -4.52 23.72 21.09
N THR D 102 -3.94 23.27 22.20
CA THR D 102 -4.66 22.86 23.41
C THR D 102 -3.89 23.54 24.54
N LYS D 103 -4.63 24.30 25.35
CA LYS D 103 -4.09 24.97 26.49
C LYS D 103 -4.35 24.05 27.67
N VAL D 104 -3.29 23.78 28.42
CA VAL D 104 -3.35 22.99 29.63
C VAL D 104 -3.21 24.00 30.77
N GLU D 105 -4.36 24.27 31.39
CA GLU D 105 -4.63 25.21 32.46
C GLU D 105 -4.74 24.51 33.84
N ILE D 106 -4.28 25.20 34.89
CA ILE D 106 -4.39 24.72 36.27
C ILE D 106 -5.90 24.80 36.67
N LYS D 107 -6.40 23.68 37.19
CA LYS D 107 -7.78 23.52 37.66
C LYS D 107 -7.93 24.14 39.02
N ARG D 108 -9.05 24.83 39.23
CA ARG D 108 -9.42 25.37 40.53
C ARG D 108 -10.93 25.49 40.62
N THR D 109 -11.44 25.84 41.80
CA THR D 109 -12.87 25.99 42.03
C THR D 109 -13.37 27.28 41.36
N VAL D 110 -14.67 27.30 41.03
CA VAL D 110 -15.36 28.47 40.47
C VAL D 110 -15.20 29.67 41.46
N ALA D 111 -14.74 30.82 40.93
CA ALA D 111 -14.58 32.06 41.69
C ALA D 111 -15.20 33.20 40.90
N ALA D 112 -16.22 33.83 41.50
CA ALA D 112 -16.94 34.99 40.96
C ALA D 112 -16.00 36.18 40.85
N PRO D 113 -16.15 37.03 39.80
CA PRO D 113 -15.29 38.23 39.72
C PRO D 113 -15.73 39.32 40.70
N SER D 114 -14.76 40.08 41.20
CA SER D 114 -14.98 41.29 41.97
C SER D 114 -14.94 42.36 40.86
N VAL D 115 -16.06 43.08 40.69
CA VAL D 115 -16.23 44.06 39.61
C VAL D 115 -16.10 45.51 40.11
N PHE D 116 -15.32 46.34 39.40
CA PHE D 116 -15.06 47.76 39.67
C PHE D 116 -15.17 48.57 38.40
N ILE D 117 -15.76 49.75 38.50
CA ILE D 117 -15.91 50.68 37.37
C ILE D 117 -15.15 51.97 37.71
N PHE D 118 -14.50 52.53 36.71
CA PHE D 118 -13.73 53.73 36.85
C PHE D 118 -14.19 54.76 35.83
N PRO D 119 -14.58 55.97 36.28
CA PRO D 119 -14.94 57.02 35.33
C PRO D 119 -13.70 57.54 34.63
N PRO D 120 -13.80 58.27 33.49
CA PRO D 120 -12.59 58.90 32.96
C PRO D 120 -12.08 59.99 33.93
N SER D 121 -10.79 60.31 33.87
CA SER D 121 -10.23 61.37 34.71
C SER D 121 -10.52 62.72 34.04
N ASP D 122 -10.59 63.79 34.83
CA ASP D 122 -10.80 65.16 34.34
C ASP D 122 -9.62 65.59 33.47
N GLU D 123 -8.40 65.10 33.81
CA GLU D 123 -7.19 65.37 33.02
C GLU D 123 -7.39 64.78 31.61
N GLN D 124 -8.02 63.58 31.51
CA GLN D 124 -8.31 63.00 30.18
C GLN D 124 -9.40 63.80 29.46
N LEU D 125 -10.55 64.08 30.13
CA LEU D 125 -11.66 64.88 29.59
C LEU D 125 -11.22 66.20 28.98
N LYS D 126 -10.21 66.84 29.58
CA LYS D 126 -9.62 68.08 29.07
C LYS D 126 -8.99 67.88 27.68
N SER D 127 -8.43 66.69 27.41
CA SER D 127 -7.77 66.35 26.12
C SER D 127 -8.73 65.98 24.96
N GLY D 128 -10.02 65.75 25.25
CA GLY D 128 -11.02 65.46 24.23
C GLY D 128 -11.51 64.02 24.07
N THR D 129 -11.09 63.12 25.00
CA THR D 129 -11.43 61.70 24.98
C THR D 129 -11.84 61.27 26.38
N ALA D 130 -12.67 60.23 26.49
CA ALA D 130 -13.09 59.66 27.75
C ALA D 130 -12.96 58.15 27.67
N SER D 131 -12.13 57.55 28.57
CA SER D 131 -11.99 56.08 28.66
C SER D 131 -12.64 55.65 29.95
N VAL D 132 -13.62 54.76 29.86
CA VAL D 132 -14.31 54.23 31.01
C VAL D 132 -13.80 52.82 31.10
N VAL D 133 -13.28 52.45 32.28
CA VAL D 133 -12.69 51.14 32.50
C VAL D 133 -13.52 50.36 33.48
N CYS D 134 -13.78 49.09 33.13
CA CYS D 134 -14.45 48.14 33.98
C CYS D 134 -13.48 46.98 34.24
N LEU D 135 -13.29 46.63 35.53
CA LEU D 135 -12.38 45.58 35.95
C LEU D 135 -13.10 44.40 36.57
N LEU D 136 -12.69 43.19 36.14
CA LEU D 136 -13.17 41.88 36.65
C LEU D 136 -11.95 41.25 37.30
N ASN D 137 -11.93 41.29 38.63
CA ASN D 137 -10.81 40.83 39.43
C ASN D 137 -10.95 39.40 39.94
N ASN D 138 -9.85 38.61 39.76
CA ASN D 138 -9.64 37.24 40.21
C ASN D 138 -10.85 36.32 40.10
N PHE D 139 -11.14 35.86 38.86
CA PHE D 139 -12.25 34.96 38.55
C PHE D 139 -11.81 33.63 37.91
N TYR D 140 -12.67 32.62 38.02
CA TYR D 140 -12.47 31.28 37.47
C TYR D 140 -13.84 30.60 37.22
N PRO D 141 -14.12 30.01 36.03
CA PRO D 141 -13.24 29.85 34.84
C PRO D 141 -13.05 31.15 34.03
N ARG D 142 -12.21 31.10 32.97
CA ARG D 142 -11.88 32.23 32.06
C ARG D 142 -13.09 32.90 31.35
N GLU D 143 -14.09 32.11 30.94
CA GLU D 143 -15.26 32.62 30.20
C GLU D 143 -16.04 33.66 30.99
N ALA D 144 -16.16 34.86 30.43
CA ALA D 144 -16.85 35.99 31.06
C ALA D 144 -17.42 36.94 30.02
N LYS D 145 -18.59 37.49 30.30
CA LYS D 145 -19.23 38.44 29.40
C LYS D 145 -19.36 39.81 30.07
N VAL D 146 -18.87 40.85 29.37
CA VAL D 146 -18.95 42.24 29.79
C VAL D 146 -19.84 42.96 28.80
N GLN D 147 -20.83 43.70 29.28
CA GLN D 147 -21.73 44.49 28.44
C GLN D 147 -21.79 45.94 28.92
N TRP D 148 -21.33 46.88 28.08
CA TRP D 148 -21.41 48.30 28.37
C TRP D 148 -22.77 48.84 27.97
N LYS D 149 -23.35 49.66 28.87
CA LYS D 149 -24.65 50.30 28.67
C LYS D 149 -24.50 51.79 28.98
N VAL D 150 -24.79 52.64 27.99
CA VAL D 150 -24.75 54.10 28.13
C VAL D 150 -26.19 54.59 28.02
N ASP D 151 -26.79 54.99 29.16
CA ASP D 151 -28.19 55.40 29.30
C ASP D 151 -29.12 54.25 28.87
N ASN D 152 -28.79 53.04 29.33
CA ASN D 152 -29.49 51.78 29.06
C ASN D 152 -29.42 51.31 27.60
N ALA D 153 -28.65 52.02 26.74
CA ALA D 153 -28.44 51.62 25.35
C ALA D 153 -27.22 50.70 25.32
N LEU D 154 -27.38 49.50 24.75
CA LEU D 154 -26.31 48.51 24.64
C LEU D 154 -25.26 49.00 23.65
N GLN D 155 -23.99 48.85 24.02
CA GLN D 155 -22.87 49.35 23.20
C GLN D 155 -22.17 48.24 22.46
N SER D 156 -21.49 48.62 21.35
CA SER D 156 -20.68 47.70 20.55
C SER D 156 -19.77 48.49 19.63
N GLY D 157 -18.62 47.89 19.32
CA GLY D 157 -17.61 48.48 18.43
C GLY D 157 -16.73 49.53 19.09
N ASN D 158 -17.08 49.95 20.33
CA ASN D 158 -16.39 51.03 21.03
C ASN D 158 -15.69 50.57 22.33
N SER D 159 -15.45 49.25 22.46
CA SER D 159 -14.76 48.68 23.60
C SER D 159 -13.74 47.64 23.18
N GLN D 160 -12.72 47.47 24.02
CA GLN D 160 -11.66 46.49 23.89
C GLN D 160 -11.39 45.86 25.26
N GLU D 161 -11.11 44.56 25.23
CA GLU D 161 -10.88 43.72 26.38
C GLU D 161 -9.47 43.12 26.43
N SER D 162 -8.94 42.97 27.66
CA SER D 162 -7.61 42.39 27.92
C SER D 162 -7.72 41.43 29.12
N VAL D 163 -7.04 40.26 29.08
CA VAL D 163 -7.08 39.25 30.14
C VAL D 163 -5.66 38.89 30.55
N THR D 164 -5.42 38.71 31.85
CA THR D 164 -4.10 38.31 32.38
C THR D 164 -3.91 36.78 32.17
N GLU D 165 -2.66 36.35 32.38
CA GLU D 165 -2.34 34.93 32.42
C GLU D 165 -2.80 34.45 33.80
N GLN D 166 -3.23 33.18 33.90
CA GLN D 166 -3.65 32.55 35.14
C GLN D 166 -2.63 32.90 36.28
N ASP D 167 -3.16 33.36 37.42
CA ASP D 167 -2.37 33.78 38.57
C ASP D 167 -1.55 32.62 39.18
N SER D 168 -0.26 32.92 39.44
CA SER D 168 0.74 31.98 39.96
C SER D 168 0.39 31.39 41.33
N LYS D 169 -0.24 32.19 42.21
CA LYS D 169 -0.60 31.78 43.57
C LYS D 169 -2.05 31.31 43.75
N ASP D 170 -3.05 31.93 43.09
CA ASP D 170 -4.45 31.58 43.29
C ASP D 170 -5.17 30.96 42.04
N SER D 171 -4.48 30.85 40.88
CA SER D 171 -4.96 30.23 39.62
C SER D 171 -6.23 30.89 39.02
N THR D 172 -6.44 32.18 39.27
CA THR D 172 -7.58 32.89 38.69
C THR D 172 -7.09 33.77 37.51
N TYR D 173 -8.05 34.43 36.84
CA TYR D 173 -7.83 35.36 35.74
C TYR D 173 -8.39 36.70 36.15
N SER D 174 -7.91 37.77 35.52
CA SER D 174 -8.42 39.10 35.70
C SER D 174 -8.63 39.68 34.31
N LEU D 175 -9.64 40.53 34.15
CA LEU D 175 -9.97 41.11 32.86
C LEU D 175 -10.27 42.60 33.00
N SER D 176 -9.87 43.39 31.99
CA SER D 176 -10.24 44.80 31.92
C SER D 176 -10.94 45.06 30.58
N SER D 177 -12.08 45.77 30.62
CA SER D 177 -12.76 46.23 29.42
C SER D 177 -12.75 47.76 29.46
N THR D 178 -12.36 48.38 28.35
CA THR D 178 -12.29 49.83 28.23
C THR D 178 -13.22 50.30 27.12
N LEU D 179 -14.16 51.16 27.51
CA LEU D 179 -15.12 51.85 26.66
C LEU D 179 -14.52 53.24 26.29
N THR D 180 -14.16 53.48 25.01
CA THR D 180 -13.61 54.79 24.59
C THR D 180 -14.65 55.57 23.78
N LEU D 181 -14.90 56.80 24.21
CA LEU D 181 -15.79 57.76 23.59
C LEU D 181 -15.06 59.07 23.45
N SER D 182 -15.59 59.95 22.59
CA SER D 182 -15.10 61.31 22.44
C SER D 182 -15.75 62.05 23.61
N LYS D 183 -15.21 63.23 24.00
CA LYS D 183 -15.77 64.07 25.07
C LYS D 183 -17.19 64.51 24.66
N ALA D 184 -17.39 64.85 23.36
CA ALA D 184 -18.68 65.23 22.75
C ALA D 184 -19.76 64.16 23.05
N ASP D 185 -19.50 62.89 22.63
CA ASP D 185 -20.41 61.76 22.87
C ASP D 185 -20.57 61.52 24.38
N TYR D 186 -19.45 61.54 25.14
CA TYR D 186 -19.45 61.33 26.60
C TYR D 186 -20.34 62.32 27.33
N GLU D 187 -20.22 63.60 26.97
CA GLU D 187 -20.97 64.70 27.58
C GLU D 187 -22.48 64.71 27.27
N LYS D 188 -22.93 63.92 26.27
CA LYS D 188 -24.34 63.84 25.85
C LYS D 188 -25.14 62.79 26.66
N HIS D 189 -24.50 62.10 27.62
CA HIS D 189 -25.13 61.03 28.43
C HIS D 189 -24.79 61.10 29.88
N LYS D 190 -25.60 60.46 30.75
CA LYS D 190 -25.43 60.47 32.20
C LYS D 190 -25.00 59.13 32.79
N VAL D 191 -25.81 58.05 32.57
CA VAL D 191 -25.56 56.73 33.19
C VAL D 191 -24.58 55.91 32.35
N TYR D 192 -23.51 55.47 33.01
CA TYR D 192 -22.43 54.66 32.46
C TYR D 192 -22.33 53.46 33.32
N ALA D 193 -22.76 52.31 32.77
CA ALA D 193 -22.80 51.04 33.47
C ALA D 193 -22.00 49.95 32.77
N CYS D 194 -21.54 48.99 33.57
CA CYS D 194 -20.79 47.82 33.15
C CYS D 194 -21.56 46.60 33.71
N GLU D 195 -22.17 45.76 32.83
CA GLU D 195 -22.86 44.53 33.24
C GLU D 195 -21.96 43.29 33.03
N VAL D 196 -21.73 42.54 34.12
CA VAL D 196 -20.82 41.39 34.13
C VAL D 196 -21.58 40.09 34.33
N THR D 197 -21.36 39.10 33.45
CA THR D 197 -21.97 37.78 33.45
C THR D 197 -20.84 36.72 33.56
N HIS D 198 -20.92 35.88 34.59
CA HIS D 198 -19.96 34.83 34.86
C HIS D 198 -20.68 33.69 35.59
N GLN D 199 -20.14 32.46 35.50
CA GLN D 199 -20.66 31.25 36.18
C GLN D 199 -20.75 31.43 37.71
N GLY D 200 -19.74 32.09 38.30
CA GLY D 200 -19.64 32.39 39.72
C GLY D 200 -20.70 33.32 40.28
N LEU D 201 -21.39 34.07 39.39
CA LEU D 201 -22.45 35.00 39.78
C LEU D 201 -23.82 34.40 39.51
N SER D 202 -24.68 34.44 40.54
CA SER D 202 -26.07 34.04 40.47
C SER D 202 -26.76 35.30 39.95
N SER D 203 -26.98 35.37 38.62
CA SER D 203 -27.53 36.53 37.86
C SER D 203 -26.46 37.67 37.66
N PRO D 204 -26.51 38.44 36.52
CA PRO D 204 -25.46 39.46 36.28
C PRO D 204 -25.36 40.60 37.27
N VAL D 205 -24.12 41.12 37.44
CA VAL D 205 -23.77 42.22 38.35
C VAL D 205 -23.50 43.50 37.55
N THR D 206 -24.11 44.62 37.98
CA THR D 206 -23.90 45.91 37.33
C THR D 206 -23.21 46.92 38.29
N LYS D 207 -22.20 47.61 37.74
CA LYS D 207 -21.47 48.68 38.39
C LYS D 207 -21.67 49.91 37.51
N SER D 208 -22.13 50.99 38.11
CA SER D 208 -22.36 52.22 37.37
C SER D 208 -21.93 53.49 38.13
N PHE D 209 -21.92 54.60 37.42
CA PHE D 209 -21.75 55.95 37.91
C PHE D 209 -22.54 56.88 36.99
N ASN D 210 -22.84 58.09 37.49
CA ASN D 210 -23.53 59.16 36.76
C ASN D 210 -22.48 60.22 36.47
N ARG D 211 -22.37 60.66 35.20
CA ARG D 211 -21.41 61.67 34.74
C ARG D 211 -21.51 62.96 35.56
N GLY D 212 -20.37 63.34 36.13
CA GLY D 212 -20.23 64.54 36.96
C GLY D 212 -20.74 64.42 38.38
N GLU D 213 -20.90 63.19 38.91
CA GLU D 213 -21.38 62.97 40.28
C GLU D 213 -20.35 62.25 41.14
N GLU E 6 6.36 -4.85 -10.77
CA GLU E 6 7.46 -5.12 -9.82
C GLU E 6 8.03 -6.55 -9.97
N LEU E 7 7.15 -7.55 -10.29
CA LEU E 7 7.49 -8.97 -10.37
C LEU E 7 7.25 -9.63 -11.74
N ARG E 8 7.08 -8.83 -12.77
CA ARG E 8 6.91 -9.25 -14.15
C ARG E 8 7.08 -8.03 -15.04
N CYS E 9 7.07 -8.19 -16.37
CA CYS E 9 7.19 -7.03 -17.24
C CYS E 9 5.86 -6.29 -17.21
N GLN E 10 5.92 -5.04 -16.73
CA GLN E 10 4.77 -4.15 -16.57
C GLN E 10 4.28 -3.63 -17.91
N CYS E 11 5.15 -3.64 -18.94
CA CYS E 11 4.71 -3.13 -20.23
C CYS E 11 4.92 -4.06 -21.38
N LEU E 12 3.83 -4.22 -22.15
CA LEU E 12 3.70 -5.02 -23.34
C LEU E 12 3.95 -4.11 -24.54
N GLN E 13 3.32 -2.93 -24.51
CA GLN E 13 3.42 -1.92 -25.56
C GLN E 13 3.97 -0.61 -25.00
N THR E 14 4.42 0.28 -25.90
CA THR E 14 4.92 1.60 -25.54
C THR E 14 4.17 2.63 -26.34
N LEU E 15 4.15 3.89 -25.88
CA LEU E 15 3.50 5.00 -26.55
C LEU E 15 4.44 5.67 -27.57
N HIS E 16 3.87 6.27 -28.63
CA HIS E 16 4.58 6.96 -29.72
C HIS E 16 5.00 8.43 -29.40
N GLY E 17 4.03 9.33 -29.19
CA GLY E 17 4.27 10.75 -28.96
C GLY E 17 3.91 11.33 -27.61
N ILE E 18 4.82 11.11 -26.61
CA ILE E 18 4.66 11.61 -25.24
C ILE E 18 5.16 13.04 -25.15
N HIS E 19 4.24 13.98 -24.82
CA HIS E 19 4.49 15.42 -24.66
C HIS E 19 5.37 15.64 -23.43
N PRO E 20 6.64 16.07 -23.60
CA PRO E 20 7.52 16.24 -22.42
C PRO E 20 7.07 17.28 -21.39
N LYS E 21 6.18 18.22 -21.80
CA LYS E 21 5.60 19.28 -20.98
C LYS E 21 4.34 18.83 -20.19
N ASN E 22 4.14 17.50 -20.08
CA ASN E 22 3.02 16.89 -19.35
C ASN E 22 3.47 15.72 -18.46
N ILE E 23 4.74 15.29 -18.62
CA ILE E 23 5.40 14.23 -17.85
C ILE E 23 5.84 14.78 -16.49
N GLN E 24 5.34 14.18 -15.38
CA GLN E 24 5.74 14.56 -14.02
C GLN E 24 7.02 13.85 -13.59
N SER E 25 7.12 12.55 -13.90
CA SER E 25 8.30 11.76 -13.57
C SER E 25 8.49 10.61 -14.57
N VAL E 26 9.70 10.04 -14.60
CA VAL E 26 10.06 8.91 -15.45
C VAL E 26 10.86 7.91 -14.63
N ASN E 27 10.46 6.63 -14.69
CA ASN E 27 11.17 5.57 -14.00
C ASN E 27 11.85 4.68 -15.04
N VAL E 28 13.10 4.32 -14.74
CA VAL E 28 13.94 3.51 -15.58
C VAL E 28 14.21 2.23 -14.80
N LYS E 29 13.66 1.09 -15.26
CA LYS E 29 13.87 -0.22 -14.64
C LYS E 29 14.79 -1.04 -15.51
N ALA E 30 16.01 -1.30 -14.99
CA ALA E 30 17.05 -2.09 -15.65
C ALA E 30 16.61 -3.57 -15.64
N PRO E 31 17.20 -4.45 -16.50
CA PRO E 31 16.80 -5.85 -16.49
C PRO E 31 16.95 -6.47 -15.10
N GLY E 32 15.90 -7.17 -14.69
CA GLY E 32 15.83 -7.81 -13.39
C GLY E 32 15.43 -9.27 -13.47
N PRO E 33 15.50 -9.97 -12.31
CA PRO E 33 15.13 -11.41 -12.28
C PRO E 33 13.68 -11.76 -12.68
N HIS E 34 12.84 -10.75 -13.00
CA HIS E 34 11.42 -10.94 -13.35
C HIS E 34 11.07 -10.37 -14.71
N CYS E 35 11.97 -9.56 -15.26
CA CYS E 35 11.83 -8.92 -16.56
C CYS E 35 13.21 -8.74 -17.08
N ALA E 36 13.55 -9.52 -18.11
CA ALA E 36 14.88 -9.54 -18.75
C ALA E 36 15.18 -8.27 -19.58
N GLN E 37 14.19 -7.40 -19.73
CA GLN E 37 14.26 -6.17 -20.53
C GLN E 37 14.42 -4.92 -19.65
N THR E 38 14.58 -3.77 -20.31
CA THR E 38 14.62 -2.47 -19.65
C THR E 38 13.26 -1.88 -19.91
N GLU E 39 12.68 -1.24 -18.88
CA GLU E 39 11.37 -0.58 -19.00
C GLU E 39 11.40 0.87 -18.50
N VAL E 40 10.78 1.74 -19.31
CA VAL E 40 10.67 3.16 -19.05
C VAL E 40 9.20 3.52 -18.92
N ILE E 41 8.80 3.88 -17.69
CA ILE E 41 7.41 4.24 -17.33
C ILE E 41 7.39 5.71 -16.92
N ALA E 42 6.56 6.48 -17.62
CA ALA E 42 6.34 7.89 -17.34
C ALA E 42 5.04 8.07 -16.59
N THR E 43 5.11 8.79 -15.45
CA THR E 43 3.99 9.21 -14.64
C THR E 43 3.71 10.67 -15.07
N LEU E 44 2.48 10.93 -15.50
CA LEU E 44 2.04 12.25 -15.95
C LEU E 44 1.64 13.14 -14.75
N LYS E 45 1.27 14.40 -15.03
CA LYS E 45 0.78 15.34 -14.02
C LYS E 45 -0.66 14.89 -13.76
N ASN E 46 -1.33 14.42 -14.85
CA ASN E 46 -2.67 13.87 -14.92
C ASN E 46 -2.86 12.64 -14.01
N GLY E 47 -1.74 12.14 -13.46
CA GLY E 47 -1.71 10.97 -12.58
C GLY E 47 -1.49 9.67 -13.32
N GLN E 48 -2.02 9.57 -14.55
CA GLN E 48 -1.92 8.41 -15.43
C GLN E 48 -0.47 8.01 -15.71
N LYS E 49 -0.24 6.71 -15.95
CA LYS E 49 1.07 6.14 -16.24
C LYS E 49 1.10 5.59 -17.67
N ALA E 50 2.21 5.84 -18.41
CA ALA E 50 2.41 5.41 -19.81
C ALA E 50 3.83 4.89 -20.04
N CYS E 51 4.01 3.96 -20.99
CA CYS E 51 5.31 3.38 -21.28
C CYS E 51 5.99 3.91 -22.49
N LEU E 52 7.31 3.93 -22.41
CA LEU E 52 8.21 4.47 -23.43
C LEU E 52 9.33 3.48 -23.72
N ASN E 53 9.75 3.38 -25.00
CA ASN E 53 10.83 2.50 -25.41
C ASN E 53 12.21 3.00 -24.93
N PRO E 54 12.97 2.18 -24.14
CA PRO E 54 14.29 2.61 -23.63
C PRO E 54 15.38 2.92 -24.66
N ALA E 55 15.25 2.38 -25.88
CA ALA E 55 16.21 2.56 -26.98
C ALA E 55 15.88 3.76 -27.88
N SER E 56 14.60 4.25 -27.83
CA SER E 56 14.07 5.37 -28.62
C SER E 56 14.89 6.66 -28.48
N PRO E 57 15.04 7.49 -29.55
CA PRO E 57 15.83 8.72 -29.42
C PRO E 57 15.11 9.86 -28.65
N MET E 58 13.79 10.07 -28.92
CA MET E 58 12.99 11.10 -28.25
C MET E 58 12.94 10.84 -26.72
N VAL E 59 12.87 9.56 -26.32
CA VAL E 59 12.88 9.07 -24.92
C VAL E 59 14.22 9.40 -24.25
N LYS E 60 15.35 9.00 -24.87
CA LYS E 60 16.70 9.28 -24.35
C LYS E 60 16.96 10.79 -24.23
N LYS E 61 16.27 11.59 -25.08
CA LYS E 61 16.36 13.06 -25.10
C LYS E 61 15.57 13.64 -23.95
N ILE E 62 14.24 13.30 -23.84
CA ILE E 62 13.37 13.78 -22.75
C ILE E 62 14.02 13.50 -21.41
N ILE E 63 14.51 12.26 -21.19
CA ILE E 63 15.22 11.86 -19.96
C ILE E 63 16.47 12.74 -19.70
N GLY E 64 17.25 12.99 -20.75
CA GLY E 64 18.46 13.81 -20.70
C GLY E 64 18.19 15.27 -20.37
N LYS E 65 17.05 15.79 -20.86
CA LYS E 65 16.53 17.16 -20.66
C LYS E 65 16.04 17.35 -19.23
N MET E 66 15.59 16.25 -18.59
CA MET E 66 15.08 16.19 -17.23
C MET E 66 16.18 16.24 -16.22
N LEU E 67 17.36 15.71 -16.55
CA LEU E 67 18.52 15.78 -15.66
C LEU E 67 19.11 17.21 -15.62
N ASN E 68 18.50 18.15 -16.42
CA ASN E 68 18.82 19.59 -16.55
C ASN E 68 17.51 20.41 -16.56
N GLU F 6 6.75 11.61 -2.12
CA GLU F 6 5.64 11.71 -3.06
C GLU F 6 4.89 13.07 -2.97
N LEU F 7 4.73 13.61 -1.74
CA LEU F 7 3.97 14.83 -1.44
C LEU F 7 4.77 15.97 -0.78
N ARG F 8 6.10 15.90 -0.91
CA ARG F 8 7.11 16.85 -0.44
C ARG F 8 8.45 16.47 -1.10
N CYS F 9 9.58 17.08 -0.71
CA CYS F 9 10.87 16.74 -1.30
C CYS F 9 11.49 15.59 -0.52
N GLN F 10 12.03 14.59 -1.26
CA GLN F 10 12.68 13.40 -0.68
C GLN F 10 14.17 13.59 -0.49
N CYS F 11 14.78 14.42 -1.35
CA CYS F 11 16.23 14.65 -1.40
C CYS F 11 16.64 16.02 -0.89
N LEU F 12 17.41 16.04 0.20
CA LEU F 12 17.98 17.24 0.80
C LEU F 12 19.42 17.34 0.30
N GLN F 13 20.15 16.21 0.41
CA GLN F 13 21.55 16.06 -0.01
C GLN F 13 21.69 14.94 -1.06
N THR F 14 22.87 14.83 -1.72
CA THR F 14 23.16 13.84 -2.77
C THR F 14 24.49 13.13 -2.52
N LEU F 15 24.60 11.85 -2.98
CA LEU F 15 25.76 10.94 -2.82
C LEU F 15 27.09 11.53 -3.26
N HIS F 16 28.19 11.17 -2.55
CA HIS F 16 29.55 11.67 -2.84
C HIS F 16 30.34 10.78 -3.84
N GLY F 17 30.63 9.53 -3.48
CA GLY F 17 31.40 8.65 -4.36
C GLY F 17 31.17 7.17 -4.22
N ILE F 18 30.11 6.64 -4.88
CA ILE F 18 29.75 5.23 -4.77
C ILE F 18 29.27 4.58 -6.07
N HIS F 19 29.07 3.23 -6.00
CA HIS F 19 28.57 2.37 -7.08
C HIS F 19 27.12 2.70 -7.33
N ILE F 23 22.05 1.05 -9.47
CA ILE F 23 22.03 -0.22 -10.19
C ILE F 23 20.72 -0.99 -9.91
N GLN F 24 19.70 -0.81 -10.79
CA GLN F 24 18.35 -1.45 -10.85
C GLN F 24 17.26 -0.52 -11.34
N SER F 25 16.91 0.47 -10.51
CA SER F 25 15.87 1.42 -10.85
C SER F 25 16.35 2.85 -10.61
N VAL F 26 15.99 3.77 -11.51
CA VAL F 26 16.31 5.18 -11.37
C VAL F 26 15.08 5.98 -11.77
N ASN F 27 14.49 6.69 -10.78
CA ASN F 27 13.32 7.54 -10.95
C ASN F 27 13.80 8.99 -11.01
N VAL F 28 13.46 9.65 -12.11
CA VAL F 28 13.76 11.04 -12.41
C VAL F 28 12.45 11.79 -12.13
N LYS F 29 12.43 12.56 -11.03
CA LYS F 29 11.24 13.30 -10.62
C LYS F 29 11.42 14.79 -10.87
N ALA F 30 10.56 15.33 -11.75
CA ALA F 30 10.59 16.74 -12.14
C ALA F 30 9.85 17.55 -11.07
N PRO F 31 10.28 18.81 -10.78
CA PRO F 31 9.56 19.62 -9.78
C PRO F 31 8.05 19.70 -10.08
N GLY F 32 7.24 19.59 -9.02
CA GLY F 32 5.77 19.57 -9.15
C GLY F 32 5.03 20.35 -8.08
N PRO F 33 3.70 20.10 -7.94
CA PRO F 33 2.92 20.88 -6.96
C PRO F 33 3.28 20.71 -5.47
N HIS F 34 4.25 19.82 -5.15
CA HIS F 34 4.68 19.54 -3.78
C HIS F 34 6.19 19.74 -3.53
N CYS F 35 7.02 19.78 -4.61
CA CYS F 35 8.49 19.91 -4.53
C CYS F 35 8.99 20.81 -5.62
N ALA F 36 10.03 21.60 -5.32
CA ALA F 36 10.58 22.60 -6.25
C ALA F 36 11.89 22.21 -6.92
N GLN F 37 12.57 21.18 -6.41
CA GLN F 37 13.83 20.75 -7.01
C GLN F 37 13.73 19.40 -7.72
N THR F 38 14.66 19.16 -8.67
CA THR F 38 14.74 17.94 -9.45
C THR F 38 15.36 16.88 -8.54
N GLU F 39 14.68 15.74 -8.43
CA GLU F 39 15.22 14.68 -7.58
C GLU F 39 15.46 13.40 -8.37
N VAL F 40 16.69 12.90 -8.28
CA VAL F 40 17.11 11.69 -8.96
C VAL F 40 17.23 10.64 -7.87
N ILE F 41 16.24 9.75 -7.82
CA ILE F 41 16.16 8.69 -6.82
C ILE F 41 16.51 7.36 -7.46
N ALA F 42 17.55 6.72 -6.93
CA ALA F 42 18.02 5.44 -7.40
C ALA F 42 17.68 4.33 -6.44
N THR F 43 16.89 3.36 -6.92
CA THR F 43 16.56 2.13 -6.19
C THR F 43 17.60 1.11 -6.68
N LEU F 44 18.40 0.59 -5.75
CA LEU F 44 19.45 -0.38 -6.04
C LEU F 44 18.86 -1.81 -6.16
N LYS F 45 19.72 -2.80 -6.49
CA LYS F 45 19.34 -4.20 -6.55
C LYS F 45 19.28 -4.64 -5.08
N ASN F 46 20.21 -4.06 -4.28
CA ASN F 46 20.38 -4.20 -2.83
C ASN F 46 19.13 -3.78 -2.05
N GLY F 47 18.16 -3.19 -2.75
CA GLY F 47 16.91 -2.73 -2.17
C GLY F 47 16.93 -1.29 -1.70
N GLN F 48 18.10 -0.85 -1.19
CA GLN F 48 18.33 0.49 -0.68
C GLN F 48 18.04 1.58 -1.73
N LYS F 49 17.62 2.77 -1.27
CA LYS F 49 17.31 3.93 -2.10
C LYS F 49 18.30 5.05 -1.85
N ALA F 50 18.70 5.76 -2.93
CA ALA F 50 19.67 6.85 -2.85
C ALA F 50 19.32 8.05 -3.72
N CYS F 51 19.77 9.23 -3.27
CA CYS F 51 19.60 10.54 -3.91
C CYS F 51 20.89 10.84 -4.62
N LEU F 52 20.78 11.12 -5.91
CA LEU F 52 21.94 11.42 -6.73
C LEU F 52 21.84 12.78 -7.40
N ASN F 53 23.00 13.38 -7.70
CA ASN F 53 23.09 14.69 -8.35
C ASN F 53 22.66 14.56 -9.82
N PRO F 54 21.59 15.28 -10.27
CA PRO F 54 21.15 15.15 -11.67
C PRO F 54 22.18 15.53 -12.75
N ALA F 55 23.10 16.45 -12.43
CA ALA F 55 24.14 16.92 -13.35
C ALA F 55 25.45 16.08 -13.27
N SER F 56 25.57 15.14 -12.28
CA SER F 56 26.73 14.27 -12.07
C SER F 56 27.07 13.38 -13.30
N PRO F 57 28.39 13.12 -13.54
CA PRO F 57 28.77 12.31 -14.70
C PRO F 57 28.48 10.81 -14.53
N MET F 58 28.64 10.26 -13.30
CA MET F 58 28.35 8.86 -12.95
C MET F 58 26.86 8.56 -13.15
N VAL F 59 26.00 9.56 -12.90
CA VAL F 59 24.54 9.52 -13.05
C VAL F 59 24.18 9.41 -14.54
N LYS F 60 24.74 10.30 -15.38
CA LYS F 60 24.52 10.33 -16.83
C LYS F 60 25.06 9.04 -17.53
N LYS F 61 26.04 8.38 -16.88
CA LYS F 61 26.64 7.11 -17.31
C LYS F 61 25.65 5.95 -17.10
N ILE F 62 25.08 5.86 -15.86
CA ILE F 62 24.13 4.82 -15.43
C ILE F 62 22.82 4.94 -16.22
N ILE F 63 22.22 6.16 -16.30
CA ILE F 63 21.03 6.40 -17.11
C ILE F 63 21.51 6.52 -18.55
N GLY F 64 21.60 5.38 -19.21
CA GLY F 64 22.13 5.26 -20.56
C GLY F 64 22.61 3.83 -20.74
N LYS F 65 23.44 3.35 -19.77
CA LYS F 65 23.92 1.97 -19.70
C LYS F 65 22.66 1.10 -19.55
N MET F 66 21.68 1.61 -18.76
CA MET F 66 20.36 1.01 -18.55
C MET F 66 19.55 1.18 -19.85
N LEU F 67 19.61 2.36 -20.48
CA LEU F 67 18.91 2.64 -21.73
C LEU F 67 19.60 1.93 -22.91
#